data_5NSF
#
_entry.id   5NSF
#
_cell.length_a   56.140
_cell.length_b   70.633
_cell.length_c   77.624
_cell.angle_alpha   85.70
_cell.angle_beta   89.75
_cell.angle_gamma   83.42
#
_symmetry.space_group_name_H-M   'P 1'
#
loop_
_entity.id
_entity.type
_entity.pdbx_description
1 polymer 'Tyrosine--tRNA ligase'
2 non-polymer '(2~{S})-2-azanyl-3-(2,6-dihydroazulen-1-yl)propanoic acid'
3 non-polymer GLYCEROL
4 non-polymer 'CALCIUM ION'
5 non-polymer 'TETRAETHYLENE GLYCOL'
6 water water
#
_entity_poly.entity_id   1
_entity_poly.type   'polypeptide(L)'
_entity_poly.pdbx_seq_one_letter_code
;MRGSHHHHHHGSMDEFEMIKRNTSEIISEEELREVLKKDEKSAGIGFEPSGKIHLGHYLQIKKMIDLQNAGFDIIIWLAD
LGAYLNQKGELDEIRKIGDYNKKVFEAMGLKAKYVYGSEHNLDKDYTLNVYRLALKTTLKRARRSMELIAREDENPKVAE
VIYPIMQVNAIHYNGVDVAVGGMEQRKIHMLARELLPKKVVCIHNPVLTGLDGEGKMSSSKGNFIAVDDSPEEIRAKIKK
AYCPAGVVEGNPIMEIAKYFLEYPLTIKRPEKFGGDLTVNSYEELESLFKNKELHPMRLKNAVAEELIKILEPIRKRL
;
_entity_poly.pdbx_strand_id   B,A,C,D
#
loop_
_chem_comp.id
_chem_comp.type
_chem_comp.name
_chem_comp.formula
96Z non-polymer '(2~{S})-2-azanyl-3-(2,6-dihydroazulen-1-yl)propanoic acid' 'C13 H15 N O2'
CA non-polymer 'CALCIUM ION' 'Ca 2'
GOL non-polymer GLYCEROL 'C3 H8 O3'
PG4 non-polymer 'TETRAETHYLENE GLYCOL' 'C8 H18 O5'
#
# COMPACT_ATOMS: atom_id res chain seq x y z
N MET A 13 7.40 -12.28 15.33
CA MET A 13 8.61 -12.59 16.15
C MET A 13 9.72 -11.59 15.87
N ASP A 14 10.43 -11.18 16.93
CA ASP A 14 11.53 -10.24 16.77
C ASP A 14 12.55 -10.74 15.75
N GLU A 15 12.99 -11.99 15.90
CA GLU A 15 13.96 -12.55 14.97
C GLU A 15 13.43 -12.56 13.54
N PHE A 16 12.18 -12.98 13.37
CA PHE A 16 11.59 -13.04 12.03
C PHE A 16 11.53 -11.66 11.39
N GLU A 17 11.15 -10.63 12.16
CA GLU A 17 11.09 -9.29 11.62
C GLU A 17 12.47 -8.83 11.16
N MET A 18 13.50 -9.04 11.99
CA MET A 18 14.84 -8.61 11.66
C MET A 18 15.39 -9.36 10.44
N ILE A 19 14.98 -10.62 10.25
CA ILE A 19 15.42 -11.36 9.07
C ILE A 19 14.73 -10.83 7.84
N LYS A 20 13.42 -10.57 7.92
CA LYS A 20 12.65 -10.15 6.76
C LYS A 20 12.98 -8.73 6.33
N ARG A 21 13.49 -7.89 7.23
CA ARG A 21 13.70 -6.48 6.91
C ARG A 21 14.58 -6.36 5.68
N ASN A 22 14.06 -5.65 4.66
CA ASN A 22 14.81 -5.30 3.46
C ASN A 22 15.13 -6.51 2.59
N THR A 23 14.31 -7.56 2.66
CA THR A 23 14.42 -8.68 1.74
C THR A 23 13.41 -8.51 0.61
N SER A 24 13.76 -9.04 -0.55
CA SER A 24 12.83 -9.04 -1.68
C SER A 24 11.79 -10.14 -1.57
N GLU A 25 12.16 -11.29 -1.01
CA GLU A 25 11.23 -12.39 -0.84
C GLU A 25 11.84 -13.44 0.07
N ILE A 26 10.98 -14.20 0.74
CA ILE A 26 11.37 -15.35 1.55
C ILE A 26 10.56 -16.54 1.06
N ILE A 27 11.24 -17.61 0.70
CA ILE A 27 10.57 -18.81 0.21
C ILE A 27 10.83 -20.00 1.15
N SER A 28 9.92 -20.27 2.10
CA SER A 28 8.74 -19.45 2.40
C SER A 28 8.81 -18.94 3.82
N GLU A 29 8.03 -17.90 4.12
CA GLU A 29 7.99 -17.37 5.48
C GLU A 29 7.51 -18.44 6.46
N GLU A 30 6.50 -19.21 6.07
CA GLU A 30 6.02 -20.30 6.92
C GLU A 30 7.15 -21.26 7.27
N GLU A 31 7.89 -21.72 6.24
CA GLU A 31 9.01 -22.63 6.51
C GLU A 31 10.08 -21.95 7.36
N LEU A 32 10.38 -20.68 7.08
CA LEU A 32 11.37 -19.97 7.88
C LEU A 32 10.98 -19.96 9.35
N ARG A 33 9.69 -19.81 9.65
CA ARG A 33 9.24 -19.84 11.03
CA ARG A 33 9.24 -19.84 11.04
C ARG A 33 9.52 -21.19 11.68
N GLU A 34 9.48 -22.27 10.90
CA GLU A 34 9.81 -23.58 11.44
C GLU A 34 11.31 -23.70 11.72
N VAL A 35 12.14 -23.16 10.83
CA VAL A 35 13.58 -23.21 11.03
C VAL A 35 13.97 -22.47 12.30
N LEU A 36 13.30 -21.36 12.61
CA LEU A 36 13.68 -20.55 13.77
C LEU A 36 13.36 -21.24 15.08
N LYS A 37 12.48 -22.24 15.09
CA LYS A 37 12.20 -22.99 16.31
C LYS A 37 13.29 -23.99 16.63
N LYS A 38 14.11 -24.38 15.66
CA LYS A 38 15.14 -25.36 15.92
C LYS A 38 16.24 -24.77 16.80
N ASP A 39 16.96 -25.68 17.48
CA ASP A 39 18.06 -25.25 18.35
C ASP A 39 19.29 -24.88 17.53
N GLU A 40 19.64 -25.69 16.53
CA GLU A 40 20.78 -25.46 15.67
C GLU A 40 20.29 -25.23 14.25
N LYS A 41 20.82 -24.20 13.59
CA LYS A 41 20.38 -23.87 12.24
C LYS A 41 21.51 -23.11 11.56
N SER A 42 21.56 -23.23 10.23
CA SER A 42 22.67 -22.69 9.46
C SER A 42 22.16 -22.10 8.15
N ALA A 43 22.92 -21.13 7.64
CA ALA A 43 22.58 -20.43 6.40
C ALA A 43 23.86 -20.18 5.62
N GLY A 44 23.74 -20.19 4.29
CA GLY A 44 24.89 -20.03 3.43
C GLY A 44 24.59 -19.06 2.30
N ILE A 45 25.60 -18.28 1.92
CA ILE A 45 25.59 -17.50 0.70
C ILE A 45 26.91 -17.73 -0.01
N GLY A 46 26.89 -17.62 -1.33
CA GLY A 46 28.10 -17.76 -2.12
C GLY A 46 28.29 -16.61 -3.07
N PHE A 47 29.56 -16.32 -3.37
CA PHE A 47 29.93 -15.24 -4.27
C PHE A 47 31.04 -15.72 -5.20
N GLU A 48 30.87 -15.48 -6.50
CA GLU A 48 32.00 -15.54 -7.40
C GLU A 48 33.01 -14.48 -6.94
N PRO A 49 34.24 -14.85 -6.57
CA PRO A 49 35.19 -13.85 -6.08
C PRO A 49 35.26 -12.64 -7.01
N SER A 50 35.23 -11.45 -6.42
CA SER A 50 35.14 -10.20 -7.16
C SER A 50 36.29 -9.28 -6.76
N GLY A 51 36.86 -8.59 -7.75
CA GLY A 51 37.97 -7.69 -7.46
C GLY A 51 37.58 -6.57 -6.53
N LYS A 52 36.44 -5.94 -6.78
CA LYS A 52 35.89 -4.91 -5.92
C LYS A 52 34.63 -5.42 -5.24
N ILE A 53 34.60 -5.30 -3.92
CA ILE A 53 33.43 -5.63 -3.10
C ILE A 53 32.66 -4.34 -2.87
N HIS A 54 31.42 -4.28 -3.35
CA HIS A 54 30.64 -3.05 -3.36
C HIS A 54 29.42 -3.20 -2.47
N LEU A 55 28.59 -2.15 -2.44
CA LEU A 55 27.43 -2.15 -1.55
C LEU A 55 26.49 -3.31 -1.84
N GLY A 56 26.40 -3.73 -3.09
CA GLY A 56 25.65 -4.94 -3.40
C GLY A 56 26.07 -6.11 -2.53
N HIS A 57 27.38 -6.35 -2.43
CA HIS A 57 27.87 -7.40 -1.55
C HIS A 57 27.55 -7.08 -0.09
N TYR A 58 27.74 -5.82 0.32
CA TYR A 58 27.57 -5.45 1.71
C TYR A 58 26.13 -5.66 2.17
N LEU A 59 25.16 -5.32 1.32
CA LEU A 59 23.76 -5.54 1.67
C LEU A 59 23.52 -7.01 2.01
N GLN A 60 24.09 -7.92 1.23
CA GLN A 60 23.88 -9.34 1.46
C GLN A 60 24.59 -9.81 2.73
N ILE A 61 25.81 -9.35 2.95
CA ILE A 61 26.53 -9.73 4.18
C ILE A 61 25.78 -9.21 5.40
N LYS A 62 25.20 -8.02 5.30
CA LYS A 62 24.34 -7.51 6.36
C LYS A 62 23.22 -8.49 6.68
N LYS A 63 22.63 -9.09 5.64
CA LYS A 63 21.56 -10.06 5.86
C LYS A 63 22.09 -11.32 6.52
N MET A 64 23.31 -11.74 6.16
CA MET A 64 23.93 -12.87 6.84
C MET A 64 24.22 -12.56 8.29
N ILE A 65 24.58 -11.30 8.60
CA ILE A 65 24.79 -10.89 9.98
C ILE A 65 23.48 -10.94 10.77
N ASP A 66 22.36 -10.58 10.13
CA ASP A 66 21.06 -10.70 10.79
C ASP A 66 20.79 -12.14 11.20
N LEU A 67 21.08 -13.09 10.32
CA LEU A 67 20.85 -14.49 10.63
C LEU A 67 21.77 -14.97 11.74
N GLN A 68 23.03 -14.52 11.73
CA GLN A 68 23.96 -14.85 12.81
C GLN A 68 23.39 -14.43 14.15
N ASN A 69 22.86 -13.21 14.23
CA ASN A 69 22.29 -12.71 15.48
C ASN A 69 21.02 -13.45 15.88
N ALA A 70 20.39 -14.18 14.95
CA ALA A 70 19.23 -14.99 15.25
C ALA A 70 19.60 -16.44 15.54
N GLY A 71 20.89 -16.72 15.79
CA GLY A 71 21.33 -18.04 16.16
C GLY A 71 21.75 -18.94 15.02
N PHE A 72 21.94 -18.41 13.81
CA PHE A 72 22.39 -19.20 12.69
C PHE A 72 23.91 -19.30 12.68
N ASP A 73 24.43 -20.49 12.42
CA ASP A 73 25.81 -20.64 11.99
C ASP A 73 25.89 -20.30 10.50
N ILE A 74 26.89 -19.51 10.13
CA ILE A 74 26.98 -18.95 8.77
C ILE A 74 28.14 -19.59 8.02
N ILE A 75 27.90 -19.91 6.75
CA ILE A 75 28.93 -20.36 5.83
C ILE A 75 28.96 -19.39 4.66
N ILE A 76 30.16 -18.96 4.29
CA ILE A 76 30.37 -18.17 3.08
C ILE A 76 31.09 -19.07 2.08
N TRP A 77 30.46 -19.28 0.93
CA TRP A 77 31.00 -20.15 -0.11
C TRP A 77 31.65 -19.28 -1.18
N LEU A 78 32.98 -19.28 -1.22
CA LEU A 78 33.72 -18.52 -2.24
C LEU A 78 33.82 -19.40 -3.48
N ALA A 79 33.00 -19.09 -4.49
CA ALA A 79 32.82 -19.96 -5.64
C ALA A 79 33.88 -19.64 -6.69
N ASP A 80 35.11 -20.04 -6.39
CA ASP A 80 36.21 -19.83 -7.32
C ASP A 80 36.07 -20.71 -8.55
N LEU A 81 35.67 -21.97 -8.35
CA LEU A 81 35.44 -22.86 -9.49
C LEU A 81 34.22 -22.41 -10.30
N GLY A 82 33.18 -21.92 -9.61
CA GLY A 82 32.05 -21.35 -10.31
C GLY A 82 32.43 -20.17 -11.19
N ALA A 83 33.24 -19.25 -10.65
CA ALA A 83 33.72 -18.12 -11.44
C ALA A 83 34.53 -18.59 -12.64
N TYR A 84 35.26 -19.69 -12.48
CA TYR A 84 36.04 -20.25 -13.59
C TYR A 84 35.12 -20.74 -14.70
N LEU A 85 34.08 -21.50 -14.34
CA LEU A 85 33.11 -21.96 -15.33
C LEU A 85 32.38 -20.80 -15.98
N ASN A 86 32.37 -19.63 -15.33
CA ASN A 86 31.69 -18.45 -15.85
C ASN A 86 32.68 -17.42 -16.41
N GLN A 87 33.84 -17.89 -16.86
CA GLN A 87 34.76 -17.09 -17.67
C GLN A 87 35.28 -15.84 -16.94
N LYS A 88 35.66 -16.00 -15.67
CA LYS A 88 36.21 -14.90 -14.90
C LYS A 88 37.74 -14.98 -14.80
N GLY A 89 38.38 -15.91 -15.50
CA GLY A 89 39.82 -16.03 -15.51
C GLY A 89 40.27 -17.37 -14.98
N GLU A 90 41.58 -17.48 -14.75
CA GLU A 90 42.17 -18.73 -14.31
C GLU A 90 41.99 -18.91 -12.80
N LEU A 91 42.13 -20.17 -12.35
CA LEU A 91 41.78 -20.52 -10.98
C LEU A 91 42.71 -19.87 -9.97
N ASP A 92 44.02 -19.84 -10.24
CA ASP A 92 44.95 -19.30 -9.26
C ASP A 92 44.77 -17.80 -9.07
N GLU A 93 44.37 -17.08 -10.11
CA GLU A 93 44.10 -15.65 -9.98
C GLU A 93 42.75 -15.39 -9.33
N ILE A 94 41.79 -16.30 -9.49
CA ILE A 94 40.52 -16.15 -8.79
C ILE A 94 40.69 -16.45 -7.30
N ARG A 95 41.55 -17.41 -6.96
CA ARG A 95 41.84 -17.69 -5.56
C ARG A 95 42.44 -16.48 -4.86
N LYS A 96 43.37 -15.79 -5.53
CA LYS A 96 43.93 -14.56 -4.95
C LYS A 96 42.83 -13.56 -4.61
N ILE A 97 41.88 -13.38 -5.52
CA ILE A 97 40.77 -12.46 -5.27
C ILE A 97 39.91 -12.97 -4.12
N GLY A 98 39.67 -14.29 -4.08
CA GLY A 98 38.87 -14.85 -3.00
C GLY A 98 39.48 -14.62 -1.64
N ASP A 99 40.81 -14.72 -1.54
CA ASP A 99 41.47 -14.40 -0.28
C ASP A 99 41.19 -12.96 0.13
N TYR A 100 41.31 -12.04 -0.82
CA TYR A 100 40.99 -10.64 -0.54
C TYR A 100 39.52 -10.48 -0.14
N ASN A 101 38.62 -11.18 -0.84
CA ASN A 101 37.20 -11.09 -0.49
C ASN A 101 36.94 -11.59 0.93
N LYS A 102 37.60 -12.68 1.34
CA LYS A 102 37.46 -13.15 2.71
C LYS A 102 37.92 -12.07 3.69
N LYS A 103 39.02 -11.39 3.37
CA LYS A 103 39.50 -10.28 4.18
C LYS A 103 38.40 -9.23 4.36
N VAL A 104 37.78 -8.82 3.26
CA VAL A 104 36.77 -7.77 3.30
C VAL A 104 35.56 -8.20 4.12
N PHE A 105 35.09 -9.44 3.92
CA PHE A 105 33.87 -9.88 4.60
C PHE A 105 34.05 -9.91 6.12
N GLU A 106 35.22 -10.30 6.60
CA GLU A 106 35.47 -10.25 8.03
C GLU A 106 35.52 -8.81 8.53
N ALA A 107 36.07 -7.89 7.71
CA ALA A 107 36.10 -6.49 8.09
C ALA A 107 34.70 -5.92 8.25
N MET A 108 33.71 -6.50 7.56
CA MET A 108 32.32 -6.10 7.74
C MET A 108 31.73 -6.57 9.07
N GLY A 109 32.48 -7.32 9.87
CA GLY A 109 32.01 -7.80 11.14
C GLY A 109 31.27 -9.12 11.07
N LEU A 110 31.48 -9.90 10.02
CA LEU A 110 30.92 -11.24 9.90
C LEU A 110 31.97 -12.27 10.29
N LYS A 111 31.62 -13.11 11.26
CA LYS A 111 32.45 -14.26 11.65
C LYS A 111 31.70 -15.51 11.23
N ALA A 112 32.19 -16.15 10.16
CA ALA A 112 31.53 -17.29 9.55
C ALA A 112 32.57 -18.28 9.11
N LYS A 113 32.10 -19.48 8.73
CA LYS A 113 32.97 -20.47 8.14
C LYS A 113 33.19 -20.08 6.68
N TYR A 114 34.41 -19.69 6.33
CA TYR A 114 34.73 -19.32 4.96
C TYR A 114 35.30 -20.56 4.27
N VAL A 115 34.61 -21.01 3.23
CA VAL A 115 34.95 -22.24 2.52
C VAL A 115 35.19 -21.91 1.05
N TYR A 116 36.24 -22.49 0.50
CA TYR A 116 36.54 -22.37 -0.91
C TYR A 116 35.94 -23.56 -1.66
N GLY A 117 35.20 -23.25 -2.74
CA GLY A 117 34.55 -24.31 -3.50
C GLY A 117 35.52 -25.37 -3.97
N SER A 118 36.63 -24.95 -4.60
CA SER A 118 37.55 -25.90 -5.20
C SER A 118 38.10 -26.90 -4.17
N GLU A 119 38.19 -26.49 -2.91
CA GLU A 119 38.65 -27.40 -1.86
C GLU A 119 37.61 -28.45 -1.50
N HIS A 120 36.37 -28.29 -1.95
CA HIS A 120 35.31 -29.26 -1.73
C HIS A 120 34.57 -29.67 -2.99
N ASN A 121 34.62 -28.87 -4.06
CA ASN A 121 33.78 -29.07 -5.23
C ASN A 121 34.29 -30.18 -6.15
N LEU A 122 35.47 -30.75 -5.90
CA LEU A 122 36.05 -31.71 -6.82
C LEU A 122 36.25 -33.10 -6.20
N ASP A 123 35.91 -33.28 -4.92
CA ASP A 123 36.06 -34.59 -4.31
C ASP A 123 35.16 -35.61 -4.99
N LYS A 124 35.49 -36.89 -4.77
CA LYS A 124 34.88 -37.97 -5.55
C LYS A 124 33.36 -37.99 -5.40
N ASP A 125 32.87 -37.86 -4.17
CA ASP A 125 31.42 -37.98 -3.93
C ASP A 125 30.66 -36.73 -4.32
N TYR A 126 31.28 -35.55 -4.15
CA TYR A 126 30.64 -34.31 -4.59
C TYR A 126 30.41 -34.33 -6.09
N THR A 127 31.44 -34.69 -6.86
CA THR A 127 31.32 -34.69 -8.31
C THR A 127 30.23 -35.64 -8.77
N LEU A 128 30.14 -36.83 -8.16
CA LEU A 128 29.11 -37.78 -8.55
C LEU A 128 27.71 -37.22 -8.33
N ASN A 129 27.52 -36.47 -7.25
CA ASN A 129 26.21 -35.87 -7.01
C ASN A 129 25.89 -34.81 -8.06
N VAL A 130 26.89 -34.07 -8.53
CA VAL A 130 26.67 -33.13 -9.62
C VAL A 130 26.13 -33.86 -10.84
N TYR A 131 26.67 -35.03 -11.13
CA TYR A 131 26.23 -35.80 -12.30
C TYR A 131 24.88 -36.45 -12.07
N ARG A 132 24.56 -36.84 -10.83
CA ARG A 132 23.20 -37.26 -10.51
C ARG A 132 22.21 -36.15 -10.80
N LEU A 133 22.53 -34.94 -10.36
CA LEU A 133 21.65 -33.79 -10.58
C LEU A 133 21.57 -33.44 -12.05
N ALA A 134 22.65 -33.65 -12.80
CA ALA A 134 22.60 -33.40 -14.24
C ALA A 134 21.61 -34.33 -14.92
N LEU A 135 21.42 -35.53 -14.39
CA LEU A 135 20.35 -36.42 -14.87
C LEU A 135 18.98 -35.86 -14.55
N LYS A 136 18.86 -35.06 -13.48
CA LYS A 136 17.57 -34.54 -13.05
C LYS A 136 17.24 -33.17 -13.62
N THR A 137 18.19 -32.51 -14.27
CA THR A 137 18.04 -31.12 -14.70
C THR A 137 17.97 -31.05 -16.23
N THR A 138 16.88 -30.50 -16.74
CA THR A 138 16.76 -30.27 -18.18
C THR A 138 17.69 -29.13 -18.61
N LEU A 139 18.10 -29.17 -19.88
CA LEU A 139 18.90 -28.08 -20.42
C LEU A 139 18.12 -26.77 -20.41
N LYS A 140 16.87 -26.79 -20.85
CA LYS A 140 16.06 -25.56 -20.84
C LYS A 140 16.04 -24.95 -19.44
N ARG A 141 15.79 -25.78 -18.44
CA ARG A 141 15.71 -25.28 -17.07
C ARG A 141 17.05 -24.73 -16.62
N ALA A 142 18.14 -25.45 -16.91
CA ALA A 142 19.48 -24.99 -16.53
C ALA A 142 19.84 -23.71 -17.28
N ARG A 143 19.52 -23.63 -18.56
CA ARG A 143 19.81 -22.43 -19.33
C ARG A 143 19.11 -21.21 -18.73
N ARG A 144 17.81 -21.35 -18.42
CA ARG A 144 17.06 -20.22 -17.90
C ARG A 144 17.54 -19.79 -16.52
N SER A 145 18.12 -20.72 -15.75
CA SER A 145 18.59 -20.36 -14.42
C SER A 145 19.82 -19.47 -14.46
N MET A 146 20.50 -19.40 -15.60
CA MET A 146 21.72 -18.60 -15.75
C MET A 146 21.50 -17.34 -16.55
N GLU A 147 20.24 -17.00 -16.87
CA GLU A 147 19.96 -15.83 -17.71
C GLU A 147 20.62 -14.57 -17.15
N LEU A 148 20.55 -14.38 -15.84
CA LEU A 148 21.02 -13.16 -15.20
C LEU A 148 22.43 -13.28 -14.63
N ILE A 149 23.05 -14.46 -14.69
CA ILE A 149 24.34 -14.70 -14.08
C ILE A 149 25.44 -14.92 -15.11
N ALA A 150 25.12 -15.60 -16.21
CA ALA A 150 26.15 -16.00 -17.17
C ALA A 150 26.77 -14.79 -17.84
N ARG A 151 28.09 -14.68 -17.76
CA ARG A 151 28.80 -13.66 -18.51
C ARG A 151 28.51 -13.83 -19.99
N GLU A 152 28.33 -12.71 -20.68
CA GLU A 152 27.87 -12.77 -22.06
C GLU A 152 28.82 -13.60 -22.91
N ASP A 153 28.24 -14.38 -23.83
CA ASP A 153 29.01 -15.21 -24.74
C ASP A 153 28.13 -15.47 -25.96
N GLU A 154 28.67 -15.23 -27.16
CA GLU A 154 27.90 -15.46 -28.36
C GLU A 154 27.78 -16.95 -28.71
N ASN A 155 28.66 -17.79 -28.15
CA ASN A 155 28.60 -19.24 -28.32
C ASN A 155 28.57 -19.85 -26.92
N PRO A 156 27.39 -19.95 -26.29
CA PRO A 156 27.33 -20.38 -24.89
C PRO A 156 27.95 -21.77 -24.72
N LYS A 157 28.76 -21.90 -23.67
CA LYS A 157 29.54 -23.10 -23.42
C LYS A 157 28.82 -24.07 -22.49
N VAL A 158 29.25 -25.34 -22.54
CA VAL A 158 28.69 -26.36 -21.66
C VAL A 158 28.91 -25.99 -20.19
N ALA A 159 30.02 -25.32 -19.88
CA ALA A 159 30.28 -24.90 -18.51
C ALA A 159 29.15 -24.06 -17.94
N GLU A 160 28.38 -23.40 -18.81
CA GLU A 160 27.32 -22.51 -18.35
C GLU A 160 26.18 -23.31 -17.70
N VAL A 161 25.94 -24.54 -18.15
CA VAL A 161 24.88 -25.36 -17.57
C VAL A 161 25.38 -26.31 -16.48
N ILE A 162 26.70 -26.45 -16.32
CA ILE A 162 27.22 -27.20 -15.17
C ILE A 162 27.20 -26.32 -13.93
N TYR A 163 27.40 -25.02 -14.11
CA TYR A 163 27.44 -24.05 -13.02
C TYR A 163 26.22 -24.14 -12.10
N PRO A 164 24.98 -24.04 -12.60
CA PRO A 164 23.84 -24.03 -11.66
C PRO A 164 23.67 -25.32 -10.86
N ILE A 165 23.90 -26.49 -11.48
CA ILE A 165 23.75 -27.72 -10.70
C ILE A 165 24.85 -27.81 -9.65
N MET A 166 26.03 -27.25 -9.91
CA MET A 166 27.05 -27.19 -8.85
C MET A 166 26.58 -26.32 -7.68
N GLN A 167 25.87 -25.23 -7.97
CA GLN A 167 25.34 -24.38 -6.91
C GLN A 167 24.23 -25.09 -6.15
N VAL A 168 23.39 -25.86 -6.85
CA VAL A 168 22.37 -26.65 -6.17
C VAL A 168 23.02 -27.64 -5.22
N ASN A 169 24.14 -28.24 -5.63
CA ASN A 169 24.77 -29.27 -4.81
C ASN A 169 25.48 -28.70 -3.59
N ALA A 170 26.04 -27.49 -3.70
CA ALA A 170 26.67 -26.87 -2.54
C ALA A 170 25.66 -26.66 -1.42
N ILE A 171 24.45 -26.25 -1.76
CA ILE A 171 23.38 -26.15 -0.77
C ILE A 171 23.16 -27.50 -0.11
N HIS A 172 23.04 -28.55 -0.92
CA HIS A 172 22.92 -29.90 -0.39
C HIS A 172 24.14 -30.27 0.45
N TYR A 173 25.34 -30.00 -0.08
CA TYR A 173 26.57 -30.39 0.59
C TYR A 173 26.75 -29.65 1.91
N ASN A 174 26.41 -28.35 1.95
CA ASN A 174 26.57 -27.57 3.16
C ASN A 174 25.57 -27.94 4.25
N GLY A 175 24.46 -28.58 3.89
CA GLY A 175 23.47 -28.96 4.87
C GLY A 175 22.72 -27.81 5.52
N VAL A 176 22.63 -26.66 4.85
CA VAL A 176 22.06 -25.48 5.47
C VAL A 176 20.53 -25.53 5.39
N ASP A 177 19.89 -24.92 6.38
CA ASP A 177 18.44 -24.73 6.36
C ASP A 177 18.03 -23.57 5.48
N VAL A 178 18.88 -22.56 5.36
CA VAL A 178 18.55 -21.33 4.63
C VAL A 178 19.62 -21.08 3.58
N ALA A 179 19.18 -20.70 2.38
CA ALA A 179 20.06 -20.25 1.32
C ALA A 179 19.76 -18.79 1.02
N VAL A 180 20.80 -17.95 1.04
CA VAL A 180 20.66 -16.52 0.81
C VAL A 180 21.38 -16.13 -0.46
N GLY A 181 20.82 -15.16 -1.16
CA GLY A 181 21.45 -14.64 -2.36
C GLY A 181 20.66 -13.44 -2.88
N GLY A 182 21.16 -12.87 -3.97
CA GLY A 182 20.42 -11.85 -4.66
C GLY A 182 19.28 -12.44 -5.47
N MET A 183 18.35 -11.55 -5.88
CA MET A 183 17.19 -12.01 -6.63
C MET A 183 17.59 -12.71 -7.93
N GLU A 184 18.76 -12.36 -8.49
CA GLU A 184 19.22 -13.04 -9.69
C GLU A 184 19.48 -14.52 -9.43
N GLN A 185 19.63 -14.92 -8.18
CA GLN A 185 19.77 -16.32 -7.79
C GLN A 185 18.44 -17.04 -7.72
N ARG A 186 17.35 -16.37 -8.08
CA ARG A 186 16.01 -16.89 -7.83
C ARG A 186 15.83 -18.28 -8.44
N LYS A 187 16.09 -18.41 -9.75
CA LYS A 187 15.70 -19.63 -10.45
C LYS A 187 16.66 -20.79 -10.18
N ILE A 188 17.94 -20.53 -9.90
CA ILE A 188 18.80 -21.60 -9.44
C ILE A 188 18.31 -22.14 -8.10
N HIS A 189 17.93 -21.24 -7.19
CA HIS A 189 17.45 -21.66 -5.88
C HIS A 189 16.11 -22.39 -5.98
N MET A 190 15.27 -22.00 -6.94
CA MET A 190 14.03 -22.73 -7.17
C MET A 190 14.31 -24.16 -7.65
N LEU A 191 15.38 -24.34 -8.44
CA LEU A 191 15.80 -25.68 -8.84
C LEU A 191 16.19 -26.53 -7.64
N ALA A 192 16.93 -25.95 -6.70
CA ALA A 192 17.39 -26.71 -5.54
C ALA A 192 16.24 -27.19 -4.68
N ARG A 193 15.15 -26.42 -4.61
CA ARG A 193 13.99 -26.85 -3.84
C ARG A 193 13.30 -28.06 -4.46
N GLU A 194 13.31 -28.17 -5.79
CA GLU A 194 12.70 -29.33 -6.42
C GLU A 194 13.61 -30.56 -6.37
N LEU A 195 14.90 -30.38 -6.62
CA LEU A 195 15.79 -31.51 -6.86
C LEU A 195 16.32 -32.11 -5.56
N LEU A 196 16.47 -31.33 -4.55
CA LEU A 196 17.10 -31.87 -3.36
C LEU A 196 16.05 -32.48 -2.43
N PRO A 197 16.42 -33.53 -1.68
CA PRO A 197 15.42 -34.19 -0.83
C PRO A 197 14.84 -33.27 0.22
N LYS A 198 15.67 -32.45 0.86
CA LYS A 198 15.20 -31.44 1.79
C LYS A 198 14.98 -30.13 1.05
N LYS A 199 13.81 -29.53 1.27
CA LYS A 199 13.55 -28.19 0.74
C LYS A 199 14.23 -27.15 1.61
N VAL A 200 14.99 -26.27 0.96
CA VAL A 200 15.77 -25.23 1.62
C VAL A 200 14.99 -23.92 1.56
N VAL A 201 15.02 -23.18 2.67
CA VAL A 201 14.38 -21.87 2.73
C VAL A 201 15.27 -20.87 2.02
N CYS A 202 14.69 -20.13 1.08
CA CYS A 202 15.45 -19.22 0.23
C CYS A 202 15.10 -17.78 0.57
N ILE A 203 16.12 -17.00 0.93
CA ILE A 203 15.98 -15.58 1.20
C ILE A 203 16.71 -14.82 0.10
N HIS A 204 15.99 -13.99 -0.64
CA HIS A 204 16.53 -13.24 -1.75
C HIS A 204 16.50 -11.76 -1.42
N ASN A 205 17.65 -11.10 -1.59
CA ASN A 205 17.78 -9.68 -1.34
C ASN A 205 17.64 -8.89 -2.63
N PRO A 206 17.28 -7.61 -2.56
CA PRO A 206 17.06 -6.83 -3.78
C PRO A 206 18.37 -6.55 -4.52
N VAL A 207 18.22 -6.25 -5.80
CA VAL A 207 19.34 -5.90 -6.66
C VAL A 207 19.50 -4.38 -6.63
N LEU A 208 20.66 -3.92 -6.19
CA LEU A 208 20.93 -2.49 -6.12
C LEU A 208 21.05 -1.90 -7.52
N THR A 209 20.56 -0.67 -7.67
CA THR A 209 20.73 0.08 -8.91
C THR A 209 22.12 0.69 -8.96
N GLY A 210 22.73 0.66 -10.14
CA GLY A 210 24.03 1.28 -10.29
C GLY A 210 23.95 2.80 -10.18
N LEU A 211 25.09 3.40 -9.81
CA LEU A 211 25.11 4.85 -9.62
C LEU A 211 24.69 5.61 -10.88
N ASP A 212 25.00 5.09 -12.06
CA ASP A 212 24.61 5.80 -13.29
C ASP A 212 23.18 5.50 -13.72
N GLY A 213 22.39 4.84 -12.88
CA GLY A 213 21.00 4.58 -13.22
C GLY A 213 20.77 3.60 -14.35
N GLU A 214 21.80 2.89 -14.81
CA GLU A 214 21.67 1.93 -15.92
C GLU A 214 22.09 0.55 -15.42
N GLY A 215 21.11 -0.25 -15.00
CA GLY A 215 21.35 -1.62 -14.57
C GLY A 215 21.85 -1.69 -13.13
N LYS A 216 22.10 -2.92 -12.69
CA LYS A 216 22.53 -3.17 -11.32
C LYS A 216 23.97 -2.70 -11.11
N MET A 217 24.34 -2.62 -9.84
CA MET A 217 25.71 -2.34 -9.45
C MET A 217 26.57 -3.60 -9.58
N SER A 218 27.81 -3.43 -10.04
CA SER A 218 28.64 -4.59 -10.32
C SER A 218 30.08 -4.17 -10.56
N SER A 219 31.01 -5.08 -10.25
CA SER A 219 32.46 -4.79 -10.44
C SER A 219 32.70 -4.25 -11.91
N SER A 220 32.14 -4.93 -12.91
CA SER A 220 32.29 -4.42 -14.30
C SER A 220 31.45 -3.11 -14.45
N LYS A 221 31.69 -2.32 -15.51
CA LYS A 221 30.96 -1.06 -15.74
C LYS A 221 30.96 -0.17 -14.45
N GLY A 222 32.13 0.31 -14.01
CA GLY A 222 32.29 1.11 -12.80
C GLY A 222 31.18 2.11 -12.41
N ASN A 223 30.06 1.53 -11.98
CA ASN A 223 28.86 2.29 -11.48
C ASN A 223 28.53 1.83 -10.02
N PHE A 224 29.55 1.75 -9.15
CA PHE A 224 29.43 1.21 -7.78
C PHE A 224 30.23 1.93 -6.68
N ILE A 225 29.83 1.70 -5.47
CA ILE A 225 30.57 2.21 -4.31
C ILE A 225 31.24 1.03 -3.62
N ALA A 226 32.56 0.94 -3.68
CA ALA A 226 33.27 -0.10 -2.94
C ALA A 226 33.36 0.26 -1.45
N VAL A 227 33.25 -0.75 -0.59
CA VAL A 227 33.27 -0.51 0.85
C VAL A 227 34.62 -0.06 1.37
N ASP A 228 35.69 -0.19 0.58
CA ASP A 228 37.01 0.29 0.95
C ASP A 228 37.41 1.53 0.16
N ASP A 229 36.50 2.10 -0.62
CA ASP A 229 36.74 3.36 -1.29
C ASP A 229 37.08 4.44 -0.26
N SER A 230 37.97 5.34 -0.66
CA SER A 230 38.35 6.44 0.22
C SER A 230 37.22 7.47 0.28
N PRO A 231 37.17 8.26 1.35
CA PRO A 231 36.17 9.33 1.41
C PRO A 231 36.14 10.21 0.17
N GLU A 232 37.29 10.43 -0.47
CA GLU A 232 37.32 11.22 -1.69
C GLU A 232 36.65 10.49 -2.85
N GLU A 233 36.88 9.18 -2.96
CA GLU A 233 36.28 8.41 -4.04
C GLU A 233 34.77 8.34 -3.90
N ILE A 234 34.28 8.18 -2.66
CA ILE A 234 32.84 8.10 -2.42
C ILE A 234 32.15 9.40 -2.81
N ARG A 235 32.68 10.54 -2.33
CA ARG A 235 32.06 11.83 -2.64
C ARG A 235 31.94 12.03 -4.15
N ALA A 236 33.05 11.88 -4.87
CA ALA A 236 33.03 12.07 -6.31
C ALA A 236 32.06 11.11 -6.97
N LYS A 237 32.12 9.83 -6.60
CA LYS A 237 31.23 8.84 -7.20
C LYS A 237 29.77 9.21 -6.94
N ILE A 238 29.45 9.67 -5.74
CA ILE A 238 28.08 10.04 -5.41
C ILE A 238 27.74 11.40 -6.02
N LYS A 239 28.72 12.31 -6.10
CA LYS A 239 28.47 13.64 -6.66
C LYS A 239 27.82 13.56 -8.04
N LYS A 240 28.29 12.62 -8.88
CA LYS A 240 27.85 12.51 -10.26
C LYS A 240 26.92 11.31 -10.52
N ALA A 241 26.35 10.71 -9.48
CA ALA A 241 25.44 9.59 -9.63
C ALA A 241 24.08 10.05 -10.17
N TYR A 242 23.34 9.10 -10.73
CA TYR A 242 21.99 9.38 -11.21
C TYR A 242 21.05 9.73 -10.06
N CYS A 243 20.41 10.91 -10.17
CA CYS A 243 19.56 11.36 -9.07
C CYS A 243 18.64 12.51 -9.45
N PRO A 244 17.64 12.29 -10.28
CA PRO A 244 16.70 13.38 -10.63
C PRO A 244 15.82 13.77 -9.46
N ALA A 245 15.57 15.08 -9.36
CA ALA A 245 14.72 15.61 -8.30
C ALA A 245 13.33 15.00 -8.36
N GLY A 246 12.81 14.64 -7.18
CA GLY A 246 11.48 14.07 -7.08
C GLY A 246 11.37 12.64 -7.55
N VAL A 247 12.48 12.02 -7.95
CA VAL A 247 12.48 10.67 -8.49
C VAL A 247 13.06 9.72 -7.45
N VAL A 248 12.24 8.78 -7.00
CA VAL A 248 12.66 7.77 -6.02
C VAL A 248 12.94 6.43 -6.69
N GLU A 249 11.99 5.94 -7.48
CA GLU A 249 12.16 4.66 -8.17
C GLU A 249 13.36 4.72 -9.11
N GLY A 250 14.23 3.71 -9.02
CA GLY A 250 15.42 3.68 -9.85
C GLY A 250 16.48 4.67 -9.49
N ASN A 251 16.38 5.31 -8.32
CA ASN A 251 17.34 6.32 -7.90
C ASN A 251 18.37 5.65 -6.99
N PRO A 252 19.60 5.43 -7.44
CA PRO A 252 20.57 4.71 -6.59
C PRO A 252 20.85 5.41 -5.28
N ILE A 253 20.74 6.74 -5.23
CA ILE A 253 21.04 7.46 -4.00
C ILE A 253 19.96 7.21 -2.95
N MET A 254 18.70 7.12 -3.37
CA MET A 254 17.64 6.79 -2.43
C MET A 254 17.76 5.36 -1.94
N GLU A 255 18.21 4.44 -2.80
CA GLU A 255 18.40 3.06 -2.38
C GLU A 255 19.48 2.96 -1.30
N ILE A 256 20.56 3.72 -1.45
CA ILE A 256 21.63 3.72 -0.44
C ILE A 256 21.10 4.26 0.88
N ALA A 257 20.27 5.30 0.84
CA ALA A 257 19.67 5.83 2.06
C ALA A 257 18.75 4.81 2.70
N LYS A 258 18.05 4.02 1.89
CA LYS A 258 17.09 3.05 2.40
C LYS A 258 17.78 1.87 3.07
N TYR A 259 18.90 1.41 2.50
CA TYR A 259 19.47 0.12 2.88
C TYR A 259 20.70 0.21 3.78
N PHE A 260 21.36 1.37 3.86
CA PHE A 260 22.62 1.47 4.58
C PHE A 260 22.67 2.59 5.61
N LEU A 261 21.87 3.63 5.48
CA LEU A 261 21.98 4.78 6.37
C LEU A 261 21.24 4.53 7.68
N GLU A 262 21.73 5.15 8.74
CA GLU A 262 21.18 5.01 10.08
C GLU A 262 20.34 6.23 10.41
N TYR A 263 19.15 5.99 10.96
CA TYR A 263 18.23 7.07 11.31
C TYR A 263 18.01 7.14 12.81
N PRO A 264 17.75 8.35 13.35
CA PRO A 264 17.52 9.62 12.67
C PRO A 264 18.76 10.24 12.06
N LEU A 265 18.55 11.17 11.14
CA LEU A 265 19.62 11.76 10.37
C LEU A 265 19.29 13.22 10.11
N THR A 266 20.33 14.07 10.09
CA THR A 266 20.15 15.51 9.99
C THR A 266 20.79 16.03 8.71
N ILE A 267 20.01 16.75 7.91
CA ILE A 267 20.51 17.45 6.73
C ILE A 267 20.68 18.91 7.14
N LYS A 268 21.91 19.42 7.18
CA LYS A 268 22.12 20.82 7.54
C LYS A 268 22.06 21.70 6.30
N ARG A 269 21.29 22.78 6.40
CA ARG A 269 21.09 23.72 5.31
C ARG A 269 20.77 25.09 5.88
N PRO A 270 21.19 26.16 5.23
CA PRO A 270 20.92 27.50 5.75
C PRO A 270 19.42 27.79 5.80
N GLU A 271 19.06 28.75 6.66
CA GLU A 271 17.67 29.12 6.84
C GLU A 271 17.07 29.69 5.57
N LYS A 272 17.89 30.14 4.63
CA LYS A 272 17.38 30.64 3.36
C LYS A 272 16.72 29.53 2.54
N PHE A 273 17.12 28.29 2.76
CA PHE A 273 16.55 27.14 2.05
C PHE A 273 15.56 26.35 2.88
N GLY A 274 15.32 26.74 4.13
CA GLY A 274 14.39 26.02 4.98
C GLY A 274 14.94 25.73 6.36
N GLY A 275 16.27 25.64 6.47
CA GLY A 275 16.93 25.28 7.70
C GLY A 275 17.15 23.78 7.80
N ASP A 276 17.83 23.39 8.88
CA ASP A 276 18.20 21.99 9.07
C ASP A 276 16.99 21.07 8.98
N LEU A 277 17.22 19.88 8.44
CA LEU A 277 16.18 18.84 8.29
C LEU A 277 16.53 17.68 9.19
N THR A 278 15.70 17.44 10.17
CA THR A 278 15.77 16.20 10.93
C THR A 278 14.87 15.19 10.23
N VAL A 279 15.44 14.02 9.91
CA VAL A 279 14.73 12.99 9.18
C VAL A 279 14.76 11.74 10.05
N ASN A 280 13.59 11.33 10.53
CA ASN A 280 13.51 10.28 11.53
C ASN A 280 13.42 8.89 10.93
N SER A 281 13.10 8.76 9.64
CA SER A 281 13.05 7.46 8.99
C SER A 281 13.36 7.64 7.51
N TYR A 282 13.57 6.51 6.83
CA TYR A 282 13.73 6.57 5.38
C TYR A 282 12.48 7.09 4.70
N GLU A 283 11.30 6.68 5.19
CA GLU A 283 10.06 7.12 4.56
C GLU A 283 9.91 8.63 4.63
N GLU A 284 10.38 9.26 5.71
CA GLU A 284 10.36 10.71 5.78
C GLU A 284 11.30 11.32 4.74
N LEU A 285 12.46 10.70 4.52
CA LEU A 285 13.35 11.13 3.46
C LEU A 285 12.69 10.97 2.09
N GLU A 286 11.97 9.87 1.89
CA GLU A 286 11.28 9.65 0.62
C GLU A 286 10.25 10.74 0.37
N SER A 287 9.52 11.13 1.42
CA SER A 287 8.50 12.17 1.26
CA SER A 287 8.50 12.17 1.27
C SER A 287 9.13 13.50 0.91
N LEU A 288 10.17 13.91 1.64
CA LEU A 288 10.84 15.17 1.36
C LEU A 288 11.30 15.24 -0.10
N PHE A 289 11.93 14.17 -0.58
CA PHE A 289 12.46 14.18 -1.95
C PHE A 289 11.33 14.19 -2.97
N LYS A 290 10.33 13.33 -2.79
CA LYS A 290 9.18 13.31 -3.69
C LYS A 290 8.53 14.68 -3.80
N ASN A 291 8.43 15.41 -2.68
CA ASN A 291 7.81 16.73 -2.68
C ASN A 291 8.77 17.83 -3.09
N LYS A 292 9.96 17.47 -3.60
CA LYS A 292 10.94 18.45 -4.04
C LYS A 292 11.25 19.46 -2.95
N GLU A 293 11.14 19.02 -1.69
CA GLU A 293 11.55 19.81 -0.54
C GLU A 293 13.02 19.62 -0.18
N LEU A 294 13.74 18.80 -0.92
CA LEU A 294 15.17 18.56 -0.69
C LEU A 294 15.86 18.48 -2.04
N HIS A 295 16.81 19.37 -2.29
CA HIS A 295 17.43 19.41 -3.60
C HIS A 295 18.33 18.19 -3.79
N PRO A 296 18.41 17.64 -5.00
CA PRO A 296 19.27 16.46 -5.23
C PRO A 296 20.69 16.59 -4.71
N MET A 297 21.33 17.76 -4.85
CA MET A 297 22.73 17.87 -4.47
C MET A 297 22.91 17.82 -2.95
N ARG A 298 22.00 18.46 -2.22
CA ARG A 298 22.01 18.32 -0.76
C ARG A 298 21.72 16.89 -0.32
N LEU A 299 20.87 16.17 -1.06
CA LEU A 299 20.69 14.75 -0.79
C LEU A 299 22.00 14.00 -0.99
N LYS A 300 22.68 14.23 -2.12
CA LYS A 300 23.91 13.51 -2.42
C LYS A 300 24.99 13.77 -1.38
N ASN A 301 25.16 15.03 -0.98
CA ASN A 301 26.20 15.37 -0.02
C ASN A 301 25.97 14.66 1.31
N ALA A 302 24.73 14.72 1.82
CA ALA A 302 24.44 14.09 3.10
C ALA A 302 24.64 12.57 3.03
N VAL A 303 24.14 11.94 1.96
CA VAL A 303 24.26 10.49 1.84
C VAL A 303 25.73 10.09 1.75
N ALA A 304 26.52 10.85 0.99
CA ALA A 304 27.94 10.53 0.85
C ALA A 304 28.64 10.60 2.20
N GLU A 305 28.34 11.64 3.00
CA GLU A 305 29.00 11.79 4.29
C GLU A 305 28.54 10.72 5.27
N GLU A 306 27.24 10.41 5.28
CA GLU A 306 26.77 9.31 6.11
C GLU A 306 27.44 8.01 5.70
N LEU A 307 27.46 7.72 4.41
CA LEU A 307 28.09 6.49 3.92
C LEU A 307 29.54 6.39 4.36
N ILE A 308 30.28 7.50 4.27
CA ILE A 308 31.67 7.50 4.73
C ILE A 308 31.74 7.13 6.20
N LYS A 309 30.79 7.64 7.00
CA LYS A 309 30.73 7.33 8.42
C LYS A 309 30.26 5.92 8.70
N ILE A 310 29.69 5.23 7.71
CA ILE A 310 29.23 3.86 7.86
C ILE A 310 30.30 2.86 7.40
N LEU A 311 31.04 3.21 6.34
CA LEU A 311 32.08 2.33 5.82
C LEU A 311 33.41 2.50 6.53
N GLU A 312 33.51 3.46 7.45
CA GLU A 312 34.80 3.72 8.12
C GLU A 312 35.29 2.54 8.94
N PRO A 313 34.45 1.88 9.75
CA PRO A 313 34.95 0.69 10.47
C PRO A 313 35.50 -0.38 9.54
N ILE A 314 34.91 -0.54 8.35
CA ILE A 314 35.42 -1.52 7.40
C ILE A 314 36.79 -1.12 6.88
N ARG A 315 36.97 0.17 6.56
CA ARG A 315 38.26 0.64 6.04
C ARG A 315 39.39 0.41 7.04
N LYS A 316 39.12 0.66 8.32
CA LYS A 316 40.16 0.56 9.33
C LYS A 316 40.67 -0.87 9.47
N ARG A 317 39.76 -1.83 9.54
CA ARG A 317 40.15 -3.22 9.74
C ARG A 317 40.88 -3.81 8.53
N LEU A 318 40.88 -3.13 7.40
CA LEU A 318 41.62 -3.58 6.23
C LEU A 318 43.00 -2.92 6.18
N ASP B 14 -36.03 17.24 16.71
CA ASP B 14 -36.42 18.24 15.74
C ASP B 14 -35.58 18.12 14.47
N GLU B 15 -35.33 19.24 13.79
CA GLU B 15 -34.63 19.20 12.50
C GLU B 15 -33.17 18.83 12.66
N PHE B 16 -32.49 19.42 13.65
CA PHE B 16 -31.07 19.16 13.84
C PHE B 16 -30.82 17.68 14.13
N GLU B 17 -31.65 17.06 14.96
CA GLU B 17 -31.48 15.64 15.27
C GLU B 17 -31.60 14.80 14.01
N MET B 18 -32.66 15.03 13.23
CA MET B 18 -32.84 14.30 11.98
C MET B 18 -31.64 14.46 11.06
N ILE B 19 -31.10 15.68 10.98
CA ILE B 19 -29.95 15.94 10.12
C ILE B 19 -28.72 15.21 10.65
N LYS B 20 -28.50 15.26 11.96
CA LYS B 20 -27.30 14.67 12.54
C LYS B 20 -27.34 13.15 12.58
N ARG B 21 -28.53 12.54 12.56
CA ARG B 21 -28.61 11.09 12.71
C ARG B 21 -27.79 10.40 11.63
N ASN B 22 -26.85 9.56 12.07
CA ASN B 22 -26.05 8.71 11.20
C ASN B 22 -25.06 9.50 10.36
N THR B 23 -24.64 10.67 10.82
CA THR B 23 -23.56 11.41 10.19
C THR B 23 -22.27 11.11 10.93
N SER B 24 -21.15 11.16 10.20
CA SER B 24 -19.85 10.94 10.83
C SER B 24 -19.35 12.20 11.53
N GLU B 25 -19.64 13.38 11.00
CA GLU B 25 -19.23 14.63 11.62
C GLU B 25 -19.97 15.78 10.96
N ILE B 26 -20.15 16.86 11.72
CA ILE B 26 -20.73 18.10 11.21
C ILE B 26 -19.77 19.23 11.54
N ILE B 27 -19.37 19.98 10.53
CA ILE B 27 -18.44 21.09 10.69
C ILE B 27 -19.16 22.39 10.32
N SER B 28 -19.71 23.13 11.29
CA SER B 28 -19.76 22.78 12.71
C SER B 28 -21.21 22.67 13.13
N GLU B 29 -21.47 22.02 14.27
CA GLU B 29 -22.84 21.93 14.75
C GLU B 29 -23.38 23.32 15.08
N GLU B 30 -22.55 24.18 15.69
CA GLU B 30 -22.98 25.55 15.97
C GLU B 30 -23.43 26.25 14.70
N GLU B 31 -22.59 26.25 13.67
CA GLU B 31 -22.94 26.92 12.42
C GLU B 31 -24.18 26.31 11.78
N LEU B 32 -24.31 24.99 11.80
CA LEU B 32 -25.51 24.37 11.24
C LEU B 32 -26.76 24.88 11.96
N ARG B 33 -26.69 25.00 13.29
CA ARG B 33 -27.84 25.52 14.03
CA ARG B 33 -27.84 25.52 14.03
C ARG B 33 -28.22 26.92 13.57
N GLU B 34 -27.24 27.74 13.17
CA GLU B 34 -27.55 29.06 12.65
C GLU B 34 -28.17 28.96 11.25
N VAL B 35 -27.67 28.06 10.40
CA VAL B 35 -28.24 27.91 9.07
C VAL B 35 -29.72 27.52 9.16
N LEU B 36 -30.06 26.70 10.15
CA LEU B 36 -31.43 26.21 10.27
C LEU B 36 -32.39 27.31 10.70
N LYS B 37 -31.88 28.41 11.25
CA LYS B 37 -32.74 29.52 11.64
C LYS B 37 -33.24 30.30 10.43
N LYS B 38 -32.51 30.27 9.32
CA LYS B 38 -32.98 30.92 8.11
C LYS B 38 -34.11 30.13 7.48
N ASP B 39 -35.01 30.85 6.81
CA ASP B 39 -36.15 30.24 6.14
C ASP B 39 -35.87 29.93 4.67
N GLU B 40 -34.72 30.33 4.15
CA GLU B 40 -34.26 29.94 2.83
C GLU B 40 -32.85 29.39 2.97
N LYS B 41 -32.65 28.15 2.56
CA LYS B 41 -31.38 27.48 2.78
C LYS B 41 -31.24 26.37 1.76
N SER B 42 -29.99 26.05 1.41
CA SER B 42 -29.72 25.11 0.32
C SER B 42 -28.52 24.25 0.66
N ALA B 43 -28.52 23.04 0.10
CA ALA B 43 -27.46 22.06 0.32
C ALA B 43 -27.19 21.34 -0.98
N GLY B 44 -25.93 20.95 -1.19
CA GLY B 44 -25.54 20.29 -2.42
C GLY B 44 -24.63 19.11 -2.11
N ILE B 45 -24.78 18.05 -2.91
CA ILE B 45 -23.84 16.93 -2.95
C ILE B 45 -23.51 16.66 -4.41
N GLY B 46 -22.32 16.12 -4.65
CA GLY B 46 -21.92 15.75 -5.99
C GLY B 46 -21.43 14.32 -6.07
N PHE B 47 -21.61 13.73 -7.25
CA PHE B 47 -21.19 12.36 -7.52
C PHE B 47 -20.54 12.28 -8.89
N GLU B 48 -19.35 11.68 -8.96
CA GLU B 48 -18.85 11.20 -10.24
C GLU B 48 -19.82 10.15 -10.77
N PRO B 49 -20.44 10.35 -11.93
CA PRO B 49 -21.42 9.38 -12.41
C PRO B 49 -20.88 7.95 -12.36
N SER B 50 -21.70 7.04 -11.84
CA SER B 50 -21.30 5.66 -11.60
C SER B 50 -22.28 4.72 -12.28
N GLY B 51 -21.76 3.65 -12.87
CA GLY B 51 -22.60 2.70 -13.57
C GLY B 51 -23.62 2.03 -12.67
N LYS B 52 -23.19 1.61 -11.48
CA LYS B 52 -24.05 1.01 -10.48
C LYS B 52 -24.23 1.98 -9.32
N ILE B 53 -25.48 2.25 -8.96
CA ILE B 53 -25.81 3.04 -7.77
C ILE B 53 -26.10 2.07 -6.64
N HIS B 54 -25.27 2.12 -5.60
CA HIS B 54 -25.29 1.15 -4.51
C HIS B 54 -25.66 1.81 -3.19
N LEU B 55 -25.68 1.01 -2.12
CA LEU B 55 -26.12 1.50 -0.82
C LEU B 55 -25.26 2.66 -0.34
N GLY B 56 -23.98 2.67 -0.68
CA GLY B 56 -23.15 3.84 -0.39
C GLY B 56 -23.76 5.13 -0.88
N HIS B 57 -24.21 5.14 -2.14
CA HIS B 57 -24.91 6.31 -2.67
C HIS B 57 -26.21 6.54 -1.93
N TYR B 58 -26.96 5.47 -1.65
CA TYR B 58 -28.29 5.61 -1.05
C TYR B 58 -28.20 6.26 0.32
N LEU B 59 -27.21 5.88 1.12
CA LEU B 59 -27.03 6.50 2.42
C LEU B 59 -26.88 8.02 2.29
N GLN B 60 -26.12 8.48 1.31
CA GLN B 60 -25.93 9.92 1.14
C GLN B 60 -27.20 10.58 0.65
N ILE B 61 -27.89 9.96 -0.32
CA ILE B 61 -29.14 10.51 -0.80
C ILE B 61 -30.18 10.55 0.31
N LYS B 62 -30.19 9.52 1.17
CA LYS B 62 -31.04 9.55 2.35
C LYS B 62 -30.76 10.79 3.19
N LYS B 63 -29.48 11.16 3.33
CA LYS B 63 -29.14 12.36 4.08
C LYS B 63 -29.65 13.62 3.39
N MET B 64 -29.60 13.64 2.06
CA MET B 64 -30.16 14.77 1.33
C MET B 64 -31.67 14.87 1.50
N ILE B 65 -32.36 13.73 1.60
CA ILE B 65 -33.79 13.75 1.86
C ILE B 65 -34.08 14.31 3.26
N ASP B 66 -33.22 13.99 4.23
CA ASP B 66 -33.36 14.57 5.56
C ASP B 66 -33.28 16.09 5.50
N LEU B 67 -32.33 16.62 4.73
CA LEU B 67 -32.19 18.07 4.59
C LEU B 67 -33.39 18.66 3.86
N GLN B 68 -33.85 17.98 2.81
CA GLN B 68 -35.05 18.40 2.10
C GLN B 68 -36.23 18.53 3.06
N ASN B 69 -36.41 17.53 3.92
CA ASN B 69 -37.52 17.57 4.88
C ASN B 69 -37.34 18.66 5.93
N ALA B 70 -36.13 19.19 6.09
CA ALA B 70 -35.88 20.30 7.00
C ALA B 70 -35.91 21.66 6.31
N GLY B 71 -36.43 21.73 5.09
CA GLY B 71 -36.57 23.00 4.40
C GLY B 71 -35.42 23.41 3.53
N PHE B 72 -34.48 22.52 3.24
CA PHE B 72 -33.38 22.83 2.34
C PHE B 72 -33.79 22.63 0.90
N ASP B 73 -33.40 23.57 0.04
CA ASP B 73 -33.41 23.33 -1.39
C ASP B 73 -32.18 22.50 -1.74
N ILE B 74 -32.37 21.45 -2.52
CA ILE B 74 -31.33 20.47 -2.79
C ILE B 74 -30.93 20.58 -4.25
N ILE B 75 -29.63 20.50 -4.51
CA ILE B 75 -29.10 20.41 -5.86
C ILE B 75 -28.09 19.28 -5.89
N ILE B 76 -28.20 18.43 -6.90
CA ILE B 76 -27.29 17.30 -7.10
C ILE B 76 -26.34 17.65 -8.23
N TRP B 77 -25.05 17.60 -7.94
CA TRP B 77 -24.00 17.97 -8.90
C TRP B 77 -23.44 16.69 -9.50
N LEU B 78 -23.77 16.45 -10.77
CA LEU B 78 -23.27 15.29 -11.49
C LEU B 78 -21.90 15.65 -12.06
N ALA B 79 -20.84 15.15 -11.44
CA ALA B 79 -19.48 15.61 -11.74
C ALA B 79 -18.93 14.81 -12.91
N ASP B 80 -19.46 15.10 -14.09
CA ASP B 80 -19.00 14.42 -15.30
C ASP B 80 -17.60 14.86 -15.68
N LEU B 81 -17.32 16.17 -15.62
CA LEU B 81 -15.98 16.64 -15.91
C LEU B 81 -15.00 16.22 -14.82
N GLY B 82 -15.46 16.21 -13.57
CA GLY B 82 -14.65 15.67 -12.49
C GLY B 82 -14.30 14.23 -12.70
N ALA B 83 -15.29 13.41 -13.09
CA ALA B 83 -15.02 12.02 -13.43
C ALA B 83 -14.06 11.94 -14.60
N TYR B 84 -14.15 12.88 -15.55
CA TYR B 84 -13.22 12.90 -16.67
C TYR B 84 -11.79 13.15 -16.19
N LEU B 85 -11.60 14.14 -15.33
CA LEU B 85 -10.27 14.42 -14.79
C LEU B 85 -9.74 13.27 -13.95
N ASN B 86 -10.60 12.38 -13.48
CA ASN B 86 -10.21 11.27 -12.61
C ASN B 86 -10.20 9.92 -13.35
N GLN B 87 -9.95 9.94 -14.66
CA GLN B 87 -9.66 8.72 -15.42
C GLN B 87 -10.84 7.76 -15.46
N LYS B 88 -12.05 8.30 -15.63
CA LYS B 88 -13.24 7.46 -15.70
C LYS B 88 -13.78 7.29 -17.12
N GLY B 89 -13.04 7.75 -18.13
CA GLY B 89 -13.45 7.56 -19.51
C GLY B 89 -13.64 8.89 -20.23
N GLU B 90 -14.52 8.87 -21.22
CA GLU B 90 -14.76 10.03 -22.07
C GLU B 90 -16.00 10.79 -21.60
N LEU B 91 -16.02 12.09 -21.93
CA LEU B 91 -17.12 12.95 -21.48
C LEU B 91 -18.47 12.44 -21.98
N ASP B 92 -18.53 11.98 -23.24
CA ASP B 92 -19.80 11.54 -23.80
C ASP B 92 -20.35 10.32 -23.08
N GLU B 93 -19.49 9.33 -22.81
CA GLU B 93 -19.92 8.15 -22.07
C GLU B 93 -20.33 8.52 -20.65
N ILE B 94 -19.53 9.34 -19.98
CA ILE B 94 -19.81 9.73 -18.60
C ILE B 94 -21.18 10.38 -18.50
N ARG B 95 -21.50 11.29 -19.42
CA ARG B 95 -22.80 11.96 -19.38
C ARG B 95 -23.93 10.95 -19.50
N LYS B 96 -23.77 9.96 -20.38
CA LYS B 96 -24.78 8.90 -20.52
C LYS B 96 -25.00 8.20 -19.18
N ILE B 97 -23.94 7.91 -18.43
CA ILE B 97 -24.09 7.30 -17.13
C ILE B 97 -24.77 8.26 -16.16
N GLY B 98 -24.42 9.54 -16.21
CA GLY B 98 -25.04 10.52 -15.33
C GLY B 98 -26.53 10.62 -15.52
N ASP B 99 -26.99 10.49 -16.76
CA ASP B 99 -28.43 10.47 -17.03
C ASP B 99 -29.11 9.34 -16.28
N TYR B 100 -28.51 8.15 -16.31
CA TYR B 100 -29.05 7.02 -15.56
C TYR B 100 -29.05 7.30 -14.06
N ASN B 101 -27.96 7.89 -13.54
CA ASN B 101 -27.89 8.19 -12.12
C ASN B 101 -28.98 9.16 -11.68
N LYS B 102 -29.25 10.18 -12.50
CA LYS B 102 -30.32 11.11 -12.17
C LYS B 102 -31.66 10.41 -12.02
N LYS B 103 -31.96 9.47 -12.92
CA LYS B 103 -33.18 8.68 -12.78
C LYS B 103 -33.20 7.90 -11.47
N VAL B 104 -32.08 7.25 -11.14
CA VAL B 104 -32.02 6.46 -9.91
C VAL B 104 -32.27 7.33 -8.69
N PHE B 105 -31.64 8.51 -8.64
CA PHE B 105 -31.80 9.37 -7.48
C PHE B 105 -33.24 9.84 -7.32
N GLU B 106 -33.91 10.10 -8.43
CA GLU B 106 -35.34 10.42 -8.36
C GLU B 106 -36.13 9.20 -7.92
N ALA B 107 -35.73 8.01 -8.37
CA ALA B 107 -36.39 6.78 -7.93
C ALA B 107 -36.25 6.57 -6.43
N MET B 108 -35.18 7.10 -5.82
CA MET B 108 -35.03 7.06 -4.37
C MET B 108 -35.96 8.03 -3.64
N GLY B 109 -36.72 8.83 -4.37
CA GLY B 109 -37.63 9.77 -3.74
C GLY B 109 -37.04 11.12 -3.42
N LEU B 110 -35.95 11.51 -4.09
CA LEU B 110 -35.37 12.84 -3.94
C LEU B 110 -35.85 13.72 -5.07
N LYS B 111 -36.45 14.86 -4.74
CA LYS B 111 -36.77 15.89 -5.71
C LYS B 111 -35.78 17.04 -5.52
N ALA B 112 -34.97 17.32 -6.53
CA ALA B 112 -33.90 18.28 -6.38
C ALA B 112 -33.51 18.81 -7.75
N LYS B 113 -32.72 19.89 -7.73
CA LYS B 113 -32.11 20.45 -8.93
C LYS B 113 -30.89 19.63 -9.33
N TYR B 114 -30.99 18.94 -10.45
CA TYR B 114 -29.88 18.15 -10.98
C TYR B 114 -29.15 18.96 -12.02
N VAL B 115 -27.88 19.26 -11.75
CA VAL B 115 -27.05 20.06 -12.65
C VAL B 115 -25.82 19.23 -13.01
N TYR B 116 -25.47 19.26 -14.29
CA TYR B 116 -24.30 18.57 -14.80
C TYR B 116 -23.10 19.52 -14.76
N GLY B 117 -21.99 19.05 -14.21
CA GLY B 117 -20.83 19.91 -14.05
C GLY B 117 -20.41 20.57 -15.34
N SER B 118 -20.26 19.77 -16.41
CA SER B 118 -19.75 20.30 -17.67
C SER B 118 -20.61 21.43 -18.21
N GLU B 119 -21.90 21.46 -17.89
CA GLU B 119 -22.76 22.53 -18.36
C GLU B 119 -22.54 23.86 -17.64
N HIS B 120 -21.83 23.87 -16.51
CA HIS B 120 -21.58 25.14 -15.82
C HIS B 120 -20.11 25.36 -15.49
N ASN B 121 -19.35 24.29 -15.32
CA ASN B 121 -17.99 24.43 -14.80
C ASN B 121 -16.97 24.85 -15.86
N LEU B 122 -17.39 25.03 -17.11
CA LEU B 122 -16.50 25.41 -18.19
C LEU B 122 -16.77 26.81 -18.71
N ASP B 123 -17.76 27.50 -18.15
CA ASP B 123 -18.04 28.87 -18.54
C ASP B 123 -16.87 29.78 -18.16
N LYS B 124 -16.81 30.94 -18.82
CA LYS B 124 -15.69 31.85 -18.66
C LYS B 124 -15.45 32.20 -17.19
N ASP B 125 -16.45 32.82 -16.55
CA ASP B 125 -16.26 33.27 -15.17
C ASP B 125 -16.01 32.11 -14.22
N TYR B 126 -16.63 30.95 -14.48
CA TYR B 126 -16.37 29.78 -13.65
C TYR B 126 -14.90 29.36 -13.75
N THR B 127 -14.39 29.24 -14.97
CA THR B 127 -13.00 28.81 -15.16
C THR B 127 -12.04 29.79 -14.49
N LEU B 128 -12.29 31.09 -14.62
CA LEU B 128 -11.38 32.08 -14.04
C LEU B 128 -11.30 31.95 -12.52
N ASN B 129 -12.42 31.65 -11.86
CA ASN B 129 -12.36 31.46 -10.42
C ASN B 129 -11.56 30.21 -10.05
N VAL B 130 -11.64 29.17 -10.90
CA VAL B 130 -10.81 27.98 -10.68
C VAL B 130 -9.34 28.36 -10.66
N TYR B 131 -8.93 29.26 -11.57
CA TYR B 131 -7.53 29.67 -11.63
C TYR B 131 -7.18 30.63 -10.50
N ARG B 132 -8.14 31.44 -10.03
CA ARG B 132 -7.94 32.22 -8.82
C ARG B 132 -7.64 31.30 -7.64
N LEU B 133 -8.43 30.23 -7.49
CA LEU B 133 -8.26 29.31 -6.38
C LEU B 133 -6.94 28.54 -6.48
N ALA B 134 -6.50 28.22 -7.70
CA ALA B 134 -5.22 27.54 -7.88
C ALA B 134 -4.05 28.40 -7.41
N LEU B 135 -4.21 29.72 -7.45
CA LEU B 135 -3.21 30.62 -6.91
C LEU B 135 -3.08 30.48 -5.40
N LYS B 136 -4.15 30.10 -4.72
CA LYS B 136 -4.20 30.02 -3.26
C LYS B 136 -3.98 28.60 -2.72
N THR B 137 -3.93 27.59 -3.59
CA THR B 137 -3.91 26.20 -3.16
C THR B 137 -2.53 25.62 -3.45
N THR B 138 -1.87 25.13 -2.41
CA THR B 138 -0.57 24.47 -2.58
C THR B 138 -0.74 23.13 -3.28
N LEU B 139 0.32 22.72 -3.98
CA LEU B 139 0.33 21.40 -4.60
C LEU B 139 0.26 20.31 -3.54
N LYS B 140 0.88 20.55 -2.38
CA LYS B 140 0.90 19.56 -1.32
C LYS B 140 -0.49 19.35 -0.73
N ARG B 141 -1.20 20.45 -0.46
CA ARG B 141 -2.55 20.37 0.08
C ARG B 141 -3.50 19.68 -0.90
N ALA B 142 -3.43 20.04 -2.19
CA ALA B 142 -4.33 19.45 -3.17
C ALA B 142 -4.08 17.95 -3.31
N ARG B 143 -2.81 17.53 -3.38
CA ARG B 143 -2.54 16.10 -3.44
C ARG B 143 -3.03 15.41 -2.18
N ARG B 144 -2.85 16.06 -1.02
CA ARG B 144 -3.34 15.52 0.23
C ARG B 144 -4.84 15.31 0.18
N SER B 145 -5.57 16.27 -0.41
CA SER B 145 -7.03 16.18 -0.44
C SER B 145 -7.53 15.10 -1.39
N MET B 146 -6.68 14.61 -2.29
CA MET B 146 -7.09 13.61 -3.27
C MET B 146 -6.56 12.21 -2.95
N GLU B 147 -5.93 12.02 -1.80
CA GLU B 147 -5.34 10.71 -1.48
C GLU B 147 -6.39 9.59 -1.58
N LEU B 148 -7.61 9.84 -1.08
CA LEU B 148 -8.64 8.83 -1.03
C LEU B 148 -9.62 8.89 -2.20
N ILE B 149 -9.49 9.87 -3.10
CA ILE B 149 -10.44 10.06 -4.18
C ILE B 149 -9.82 9.72 -5.52
N ALA B 150 -8.56 10.10 -5.74
CA ALA B 150 -7.94 9.92 -7.05
C ALA B 150 -7.70 8.44 -7.33
N ARG B 151 -7.88 8.05 -8.58
CA ARG B 151 -7.43 6.74 -9.04
C ARG B 151 -5.95 6.57 -8.73
N GLU B 152 -5.62 5.48 -8.04
CA GLU B 152 -4.22 5.19 -7.75
C GLU B 152 -3.44 5.06 -9.04
N ASP B 153 -2.43 5.91 -9.21
CA ASP B 153 -1.73 6.03 -10.48
C ASP B 153 -0.23 6.10 -10.23
N GLU B 154 0.53 5.33 -11.01
CA GLU B 154 1.98 5.31 -10.86
C GLU B 154 2.57 6.69 -11.10
N ASN B 155 2.05 7.41 -12.11
CA ASN B 155 2.57 8.69 -12.56
C ASN B 155 1.46 9.73 -12.41
N PRO B 156 1.29 10.29 -11.22
CA PRO B 156 0.13 11.16 -10.99
C PRO B 156 0.09 12.32 -11.97
N LYS B 157 -1.10 12.59 -12.49
CA LYS B 157 -1.28 13.60 -13.53
C LYS B 157 -1.66 14.94 -12.92
N VAL B 158 -1.42 16.00 -13.71
CA VAL B 158 -1.80 17.35 -13.30
C VAL B 158 -3.29 17.44 -13.06
N ALA B 159 -4.09 16.66 -13.80
CA ALA B 159 -5.53 16.66 -13.61
C ALA B 159 -5.92 16.35 -12.16
N GLU B 160 -5.04 15.69 -11.41
CA GLU B 160 -5.36 15.30 -10.04
C GLU B 160 -5.49 16.50 -9.11
N VAL B 161 -4.72 17.56 -9.35
CA VAL B 161 -4.76 18.73 -8.47
C VAL B 161 -5.71 19.82 -8.96
N ILE B 162 -6.22 19.70 -10.19
CA ILE B 162 -7.27 20.60 -10.64
C ILE B 162 -8.63 20.16 -10.10
N TYR B 163 -8.83 18.86 -9.95
CA TYR B 163 -10.06 18.25 -9.48
C TYR B 163 -10.55 18.88 -8.18
N PRO B 164 -9.75 18.93 -7.11
CA PRO B 164 -10.26 19.48 -5.84
C PRO B 164 -10.64 20.95 -5.92
N ILE B 165 -9.88 21.75 -6.69
CA ILE B 165 -10.21 23.16 -6.81
C ILE B 165 -11.52 23.35 -7.55
N MET B 166 -11.81 22.49 -8.52
CA MET B 166 -13.11 22.53 -9.19
C MET B 166 -14.22 22.19 -8.21
N GLN B 167 -13.97 21.25 -7.31
CA GLN B 167 -14.97 20.89 -6.31
C GLN B 167 -15.18 22.03 -5.31
N VAL B 168 -14.10 22.71 -4.92
CA VAL B 168 -14.25 23.88 -4.07
C VAL B 168 -15.07 24.96 -4.77
N ASN B 169 -14.86 25.14 -6.08
CA ASN B 169 -15.54 26.21 -6.79
C ASN B 169 -17.01 25.88 -7.03
N ALA B 170 -17.34 24.60 -7.18
CA ALA B 170 -18.74 24.22 -7.33
C ALA B 170 -19.54 24.60 -6.09
N ILE B 171 -18.97 24.40 -4.91
CA ILE B 171 -19.62 24.84 -3.68
C ILE B 171 -19.90 26.33 -3.73
N HIS B 172 -18.87 27.11 -4.05
CA HIS B 172 -19.04 28.55 -4.22
C HIS B 172 -20.09 28.86 -5.28
N TYR B 173 -19.96 28.24 -6.46
CA TYR B 173 -20.85 28.53 -7.56
C TYR B 173 -22.30 28.20 -7.22
N ASN B 174 -22.53 27.08 -6.53
CA ASN B 174 -23.90 26.69 -6.18
C ASN B 174 -24.50 27.58 -5.11
N GLY B 175 -23.68 28.30 -4.34
CA GLY B 175 -24.19 29.18 -3.31
C GLY B 175 -24.82 28.47 -2.14
N VAL B 176 -24.45 27.23 -1.87
CA VAL B 176 -25.12 26.45 -0.84
C VAL B 176 -24.61 26.83 0.53
N ASP B 177 -25.49 26.72 1.52
CA ASP B 177 -25.09 26.88 2.91
C ASP B 177 -24.43 25.62 3.46
N VAL B 178 -24.84 24.46 2.96
CA VAL B 178 -24.37 23.17 3.47
C VAL B 178 -23.80 22.36 2.32
N ALA B 179 -22.66 21.74 2.56
CA ALA B 179 -22.05 20.80 1.63
C ALA B 179 -22.05 19.42 2.25
N VAL B 180 -22.55 18.44 1.52
CA VAL B 180 -22.65 17.06 2.00
C VAL B 180 -21.73 16.19 1.15
N GLY B 181 -21.16 15.18 1.80
CA GLY B 181 -20.33 14.21 1.11
C GLY B 181 -19.93 13.10 2.06
N GLY B 182 -19.20 12.14 1.50
CA GLY B 182 -18.60 11.12 2.34
C GLY B 182 -17.37 11.62 3.06
N MET B 183 -16.97 10.87 4.09
CA MET B 183 -15.81 11.27 4.89
C MET B 183 -14.55 11.42 4.05
N GLU B 184 -14.51 10.83 2.86
CA GLU B 184 -13.37 11.01 1.99
C GLU B 184 -13.37 12.36 1.29
N GLN B 185 -14.48 13.11 1.38
CA GLN B 185 -14.57 14.49 0.93
C GLN B 185 -14.04 15.48 1.96
N ARG B 186 -13.50 14.95 3.05
CA ARG B 186 -13.20 15.76 4.23
C ARG B 186 -12.16 16.84 3.92
N LYS B 187 -11.04 16.45 3.31
CA LYS B 187 -9.94 17.39 3.12
C LYS B 187 -10.30 18.45 2.09
N ILE B 188 -11.05 18.08 1.05
CA ILE B 188 -11.50 19.07 0.07
C ILE B 188 -12.43 20.08 0.73
N HIS B 189 -13.35 19.60 1.56
CA HIS B 189 -14.32 20.50 2.19
C HIS B 189 -13.64 21.44 3.18
N MET B 190 -12.61 20.97 3.89
CA MET B 190 -11.84 21.87 4.73
C MET B 190 -11.09 22.90 3.88
N LEU B 191 -10.68 22.51 2.67
CA LEU B 191 -10.13 23.51 1.75
C LEU B 191 -11.14 24.60 1.44
N ALA B 192 -12.39 24.22 1.20
CA ALA B 192 -13.40 25.21 0.85
C ALA B 192 -13.65 26.19 1.99
N ARG B 193 -13.55 25.73 3.24
CA ARG B 193 -13.79 26.64 4.36
C ARG B 193 -12.66 27.66 4.50
N GLU B 194 -11.42 27.29 4.14
CA GLU B 194 -10.32 28.27 4.21
C GLU B 194 -10.37 29.26 3.05
N LEU B 195 -10.60 28.79 1.83
CA LEU B 195 -10.39 29.63 0.66
C LEU B 195 -11.62 30.45 0.28
N LEU B 196 -12.81 29.96 0.59
CA LEU B 196 -13.98 30.69 0.11
C LEU B 196 -14.42 31.74 1.12
N PRO B 197 -15.01 32.85 0.65
CA PRO B 197 -15.43 33.90 1.59
C PRO B 197 -16.50 33.42 2.55
N LYS B 198 -17.53 32.78 2.04
CA LYS B 198 -18.58 32.16 2.84
C LYS B 198 -18.09 30.80 3.32
N LYS B 199 -17.88 30.64 4.62
CA LYS B 199 -17.63 29.31 5.15
C LYS B 199 -18.89 28.47 5.04
N VAL B 200 -18.75 27.29 4.47
CA VAL B 200 -19.86 26.38 4.24
C VAL B 200 -19.88 25.33 5.33
N VAL B 201 -21.07 25.01 5.82
CA VAL B 201 -21.23 23.97 6.83
C VAL B 201 -21.11 22.62 6.13
N CYS B 202 -20.26 21.75 6.67
CA CYS B 202 -19.93 20.48 6.04
C CYS B 202 -20.52 19.33 6.85
N ILE B 203 -21.35 18.52 6.20
CA ILE B 203 -21.93 17.33 6.78
C ILE B 203 -21.32 16.13 6.05
N HIS B 204 -20.63 15.27 6.79
CA HIS B 204 -19.96 14.11 6.23
C HIS B 204 -20.63 12.84 6.72
N ASN B 205 -20.98 11.98 5.78
CA ASN B 205 -21.62 10.71 6.07
C ASN B 205 -20.58 9.60 6.11
N PRO B 206 -20.89 8.47 6.77
CA PRO B 206 -19.92 7.39 6.83
C PRO B 206 -19.74 6.74 5.47
N VAL B 207 -18.59 6.10 5.30
CA VAL B 207 -18.29 5.32 4.10
C VAL B 207 -18.67 3.87 4.39
N LEU B 208 -19.58 3.32 3.60
CA LEU B 208 -19.99 1.94 3.82
C LEU B 208 -18.86 0.98 3.48
N THR B 209 -18.75 -0.07 4.27
CA THR B 209 -17.82 -1.16 3.98
C THR B 209 -18.43 -2.08 2.94
N GLY B 210 -17.60 -2.56 2.01
CA GLY B 210 -18.07 -3.49 1.02
C GLY B 210 -18.46 -4.83 1.62
N LEU B 211 -19.29 -5.57 0.88
CA LEU B 211 -19.78 -6.86 1.38
C LEU B 211 -18.64 -7.79 1.75
N ASP B 212 -17.49 -7.69 1.08
CA ASP B 212 -16.36 -8.54 1.41
C ASP B 212 -15.56 -8.03 2.60
N GLY B 213 -15.86 -6.83 3.11
CA GLY B 213 -15.17 -6.30 4.26
C GLY B 213 -13.73 -5.89 4.03
N GLU B 214 -13.28 -5.86 2.78
CA GLU B 214 -11.89 -5.53 2.48
C GLU B 214 -11.68 -4.08 2.10
N GLY B 215 -12.74 -3.36 1.75
CA GLY B 215 -12.63 -1.97 1.37
C GLY B 215 -14.01 -1.36 1.28
N LYS B 216 -14.05 -0.10 0.86
CA LYS B 216 -15.33 0.59 0.74
C LYS B 216 -16.16 -0.06 -0.36
N MET B 217 -17.47 0.19 -0.32
CA MET B 217 -18.39 -0.35 -1.31
C MET B 217 -18.31 0.50 -2.57
N SER B 218 -17.69 -0.04 -3.61
CA SER B 218 -17.52 0.65 -4.88
C SER B 218 -18.02 -0.20 -6.04
N SER B 219 -18.67 0.45 -7.02
CA SER B 219 -19.07 -0.24 -8.23
C SER B 219 -17.90 -0.96 -8.87
N SER B 220 -16.73 -0.34 -8.85
CA SER B 220 -15.52 -0.89 -9.47
C SER B 220 -14.87 -2.01 -8.64
N LYS B 221 -15.59 -2.58 -7.68
CA LYS B 221 -15.00 -3.58 -6.80
C LYS B 221 -15.91 -4.78 -6.57
N GLY B 222 -17.03 -4.91 -7.28
CA GLY B 222 -17.88 -6.08 -7.17
C GLY B 222 -18.18 -6.51 -5.75
N ASN B 223 -18.38 -5.54 -4.85
CA ASN B 223 -18.62 -5.77 -3.44
C ASN B 223 -19.75 -4.87 -2.94
N PHE B 224 -20.83 -4.82 -3.72
CA PHE B 224 -21.89 -3.86 -3.48
C PHE B 224 -23.27 -4.48 -3.67
N ILE B 225 -24.25 -3.81 -3.08
CA ILE B 225 -25.67 -4.05 -3.32
C ILE B 225 -26.19 -2.84 -4.07
N ALA B 226 -26.49 -3.00 -5.35
CA ALA B 226 -27.10 -1.93 -6.13
C ALA B 226 -28.57 -1.81 -5.72
N VAL B 227 -29.08 -0.58 -5.70
CA VAL B 227 -30.45 -0.35 -5.24
C VAL B 227 -31.47 -0.96 -6.19
N ASP B 228 -31.06 -1.34 -7.40
CA ASP B 228 -31.94 -2.04 -8.34
C ASP B 228 -31.58 -3.51 -8.50
N ASP B 229 -30.65 -4.02 -7.68
CA ASP B 229 -30.39 -5.46 -7.69
C ASP B 229 -31.69 -6.20 -7.40
N SER B 230 -31.85 -7.35 -8.04
CA SER B 230 -33.05 -8.14 -7.86
C SER B 230 -33.05 -8.81 -6.50
N PRO B 231 -34.23 -9.13 -5.97
CA PRO B 231 -34.29 -9.89 -4.70
C PRO B 231 -33.41 -11.12 -4.71
N GLU B 232 -33.26 -11.76 -5.87
CA GLU B 232 -32.37 -12.92 -5.96
C GLU B 232 -30.92 -12.51 -5.76
N GLU B 233 -30.51 -11.39 -6.35
CA GLU B 233 -29.13 -10.94 -6.26
C GLU B 233 -28.79 -10.47 -4.84
N ILE B 234 -29.73 -9.79 -4.19
CA ILE B 234 -29.48 -9.29 -2.84
C ILE B 234 -29.23 -10.43 -1.88
N ARG B 235 -30.11 -11.45 -1.89
CA ARG B 235 -29.94 -12.59 -1.00
C ARG B 235 -28.58 -13.25 -1.18
N ALA B 236 -28.22 -13.58 -2.42
CA ALA B 236 -26.95 -14.23 -2.69
C ALA B 236 -25.78 -13.37 -2.22
N LYS B 237 -25.81 -12.08 -2.55
CA LYS B 237 -24.72 -11.18 -2.18
C LYS B 237 -24.55 -11.11 -0.66
N ILE B 238 -25.65 -11.08 0.09
CA ILE B 238 -25.54 -11.00 1.54
C ILE B 238 -25.15 -12.35 2.13
N LYS B 239 -25.73 -13.44 1.63
CA LYS B 239 -25.42 -14.77 2.15
C LYS B 239 -23.92 -14.96 2.36
N LYS B 240 -23.13 -14.55 1.38
CA LYS B 240 -21.69 -14.76 1.39
C LYS B 240 -20.91 -13.53 1.81
N ALA B 241 -21.57 -12.56 2.44
CA ALA B 241 -20.89 -11.35 2.88
C ALA B 241 -20.04 -11.60 4.12
N TYR B 242 -19.07 -10.73 4.34
CA TYR B 242 -18.24 -10.76 5.53
C TYR B 242 -19.10 -10.39 6.74
N CYS B 243 -19.10 -11.23 7.77
CA CYS B 243 -19.95 -11.02 8.94
C CYS B 243 -19.49 -11.87 10.12
N PRO B 244 -18.35 -11.56 10.72
CA PRO B 244 -17.83 -12.40 11.81
C PRO B 244 -18.66 -12.30 13.08
N ALA B 245 -18.77 -13.43 13.78
CA ALA B 245 -19.49 -13.49 15.04
C ALA B 245 -18.90 -12.53 16.07
N GLY B 246 -19.78 -11.81 16.77
CA GLY B 246 -19.37 -10.90 17.83
C GLY B 246 -18.64 -9.66 17.40
N VAL B 247 -18.42 -9.45 16.11
CA VAL B 247 -17.64 -8.33 15.57
C VAL B 247 -18.60 -7.35 14.92
N VAL B 248 -18.63 -6.12 15.43
CA VAL B 248 -19.53 -5.10 14.91
C VAL B 248 -18.78 -4.16 13.96
N GLU B 249 -17.68 -3.57 14.44
CA GLU B 249 -16.92 -2.66 13.58
C GLU B 249 -16.43 -3.40 12.35
N GLY B 250 -16.46 -2.72 11.21
CA GLY B 250 -16.03 -3.32 9.96
C GLY B 250 -16.93 -4.42 9.45
N ASN B 251 -18.12 -4.60 10.05
CA ASN B 251 -19.02 -5.67 9.64
C ASN B 251 -20.04 -5.06 8.67
N PRO B 252 -19.94 -5.34 7.37
CA PRO B 252 -20.88 -4.69 6.42
C PRO B 252 -22.33 -5.02 6.71
N ILE B 253 -22.62 -6.19 7.27
CA ILE B 253 -24.01 -6.56 7.54
C ILE B 253 -24.56 -5.73 8.69
N MET B 254 -23.74 -5.46 9.71
CA MET B 254 -24.20 -4.59 10.80
C MET B 254 -24.33 -3.14 10.34
N GLU B 255 -23.45 -2.68 9.46
CA GLU B 255 -23.58 -1.31 8.94
C GLU B 255 -24.88 -1.15 8.18
N ILE B 256 -25.26 -2.15 7.38
CA ILE B 256 -26.51 -2.10 6.64
C ILE B 256 -27.70 -2.08 7.61
N ALA B 257 -27.61 -2.86 8.69
CA ALA B 257 -28.68 -2.85 9.69
C ALA B 257 -28.78 -1.50 10.37
N LYS B 258 -27.64 -0.84 10.59
CA LYS B 258 -27.64 0.44 11.29
C LYS B 258 -28.22 1.56 10.42
N TYR B 259 -27.91 1.55 9.12
CA TYR B 259 -28.13 2.73 8.29
C TYR B 259 -29.38 2.63 7.41
N PHE B 260 -29.92 1.43 7.18
CA PHE B 260 -31.01 1.26 6.23
C PHE B 260 -32.25 0.57 6.79
N LEU B 261 -32.15 -0.18 7.89
CA LEU B 261 -33.27 -0.97 8.35
C LEU B 261 -34.16 -0.16 9.28
N GLU B 262 -35.45 -0.51 9.28
CA GLU B 262 -36.46 0.15 10.08
C GLU B 262 -36.78 -0.72 11.29
N TYR B 263 -36.86 -0.09 12.47
CA TYR B 263 -37.10 -0.82 13.71
C TYR B 263 -38.44 -0.39 14.34
N PRO B 264 -39.10 -1.30 15.08
CA PRO B 264 -38.65 -2.65 15.47
C PRO B 264 -38.67 -3.68 14.35
N LEU B 265 -37.95 -4.77 14.56
CA LEU B 265 -37.76 -5.80 13.56
C LEU B 265 -37.66 -7.14 14.28
N THR B 266 -38.16 -8.19 13.63
CA THR B 266 -38.20 -9.52 14.23
C THR B 266 -37.35 -10.49 13.41
N ILE B 267 -36.43 -11.15 14.08
CA ILE B 267 -35.66 -12.25 13.49
C ILE B 267 -36.31 -13.54 13.95
N LYS B 268 -36.87 -14.28 13.00
CA LYS B 268 -37.55 -15.53 13.31
C LYS B 268 -36.54 -16.66 13.39
N ARG B 269 -36.77 -17.59 14.31
CA ARG B 269 -35.88 -18.74 14.49
C ARG B 269 -36.61 -19.79 15.30
N PRO B 270 -36.31 -21.07 15.09
CA PRO B 270 -37.00 -22.13 15.84
C PRO B 270 -36.82 -21.98 17.34
N GLU B 271 -37.75 -22.57 18.09
CA GLU B 271 -37.66 -22.51 19.55
C GLU B 271 -36.40 -23.24 20.02
N LYS B 272 -35.97 -24.26 19.26
CA LYS B 272 -34.73 -24.95 19.56
C LYS B 272 -33.58 -23.97 19.73
N PHE B 273 -33.41 -23.07 18.77
CA PHE B 273 -32.32 -22.10 18.79
C PHE B 273 -32.63 -20.85 19.60
N GLY B 274 -33.73 -20.83 20.37
CA GLY B 274 -34.03 -19.70 21.23
C GLY B 274 -35.39 -19.08 21.02
N GLY B 275 -35.93 -19.21 19.80
CA GLY B 275 -37.20 -18.61 19.44
C GLY B 275 -37.04 -17.22 18.85
N ASP B 276 -38.16 -16.68 18.37
CA ASP B 276 -38.16 -15.39 17.70
C ASP B 276 -37.53 -14.30 18.57
N LEU B 277 -36.84 -13.36 17.91
CA LEU B 277 -36.18 -12.24 18.55
C LEU B 277 -36.84 -10.95 18.09
N THR B 278 -37.49 -10.24 19.01
CA THR B 278 -37.97 -8.90 18.74
C THR B 278 -36.84 -7.92 19.04
N VAL B 279 -36.53 -7.05 18.08
CA VAL B 279 -35.40 -6.15 18.16
C VAL B 279 -35.95 -4.73 18.08
N ASN B 280 -35.94 -4.03 19.22
CA ASN B 280 -36.58 -2.72 19.32
C ASN B 280 -35.76 -1.62 18.64
N SER B 281 -34.46 -1.81 18.44
CA SER B 281 -33.62 -0.76 17.89
C SER B 281 -32.33 -1.39 17.38
N TYR B 282 -31.54 -0.57 16.67
CA TYR B 282 -30.22 -1.04 16.25
C TYR B 282 -29.33 -1.32 17.45
N GLU B 283 -29.44 -0.49 18.49
CA GLU B 283 -28.60 -0.68 19.66
C GLU B 283 -28.84 -2.03 20.31
N GLU B 284 -30.09 -2.50 20.31
CA GLU B 284 -30.35 -3.84 20.83
C GLU B 284 -29.76 -4.89 19.90
N LEU B 285 -29.84 -4.68 18.58
CA LEU B 285 -29.21 -5.60 17.65
C LEU B 285 -27.70 -5.65 17.88
N GLU B 286 -27.10 -4.49 18.15
CA GLU B 286 -25.67 -4.44 18.43
C GLU B 286 -25.33 -5.21 19.69
N SER B 287 -26.15 -5.04 20.74
CA SER B 287 -25.91 -5.76 21.99
CA SER B 287 -25.91 -5.76 21.99
C SER B 287 -26.04 -7.26 21.79
N LEU B 288 -27.13 -7.70 21.16
CA LEU B 288 -27.34 -9.13 20.92
C LEU B 288 -26.18 -9.72 20.13
N PHE B 289 -25.76 -9.03 19.07
CA PHE B 289 -24.68 -9.55 18.22
C PHE B 289 -23.34 -9.52 18.96
N LYS B 290 -23.03 -8.41 19.64
CA LYS B 290 -21.78 -8.33 20.38
C LYS B 290 -21.62 -9.49 21.34
N ASN B 291 -22.69 -9.83 22.06
CA ASN B 291 -22.68 -10.92 23.04
C ASN B 291 -22.99 -12.27 22.42
N LYS B 292 -22.89 -12.40 21.09
CA LYS B 292 -23.04 -13.67 20.41
C LYS B 292 -24.37 -14.34 20.73
N GLU B 293 -25.41 -13.54 20.94
CA GLU B 293 -26.76 -14.04 21.10
C GLU B 293 -27.52 -14.09 19.79
N LEU B 294 -26.89 -13.72 18.68
CA LEU B 294 -27.49 -13.73 17.36
C LEU B 294 -26.46 -14.22 16.35
N HIS B 295 -26.75 -15.33 15.70
CA HIS B 295 -25.80 -15.96 14.79
C HIS B 295 -25.69 -15.16 13.49
N PRO B 296 -24.50 -15.11 12.88
CA PRO B 296 -24.37 -14.42 11.59
C PRO B 296 -25.41 -14.85 10.57
N MET B 297 -25.59 -16.16 10.38
CA MET B 297 -26.59 -16.70 9.47
C MET B 297 -27.93 -15.98 9.58
N ARG B 298 -28.55 -16.09 10.75
CA ARG B 298 -29.87 -15.49 10.96
C ARG B 298 -29.82 -13.98 10.81
N LEU B 299 -28.73 -13.34 11.22
CA LEU B 299 -28.57 -11.91 10.93
C LEU B 299 -28.58 -11.66 9.44
N LYS B 300 -27.79 -12.43 8.68
CA LYS B 300 -27.73 -12.23 7.23
C LYS B 300 -29.08 -12.44 6.58
N ASN B 301 -29.80 -13.50 6.99
CA ASN B 301 -31.10 -13.77 6.40
C ASN B 301 -32.07 -12.63 6.69
N ALA B 302 -32.11 -12.18 7.94
CA ALA B 302 -33.03 -11.10 8.31
C ALA B 302 -32.70 -9.81 7.56
N VAL B 303 -31.42 -9.45 7.49
CA VAL B 303 -31.02 -8.21 6.82
C VAL B 303 -31.37 -8.28 5.33
N ALA B 304 -31.11 -9.42 4.69
CA ALA B 304 -31.38 -9.54 3.26
C ALA B 304 -32.85 -9.33 2.96
N GLU B 305 -33.74 -9.91 3.78
CA GLU B 305 -35.17 -9.79 3.52
C GLU B 305 -35.66 -8.36 3.78
N GLU B 306 -35.22 -7.75 4.89
CA GLU B 306 -35.59 -6.36 5.15
C GLU B 306 -35.08 -5.45 4.03
N LEU B 307 -33.82 -5.62 3.63
CA LEU B 307 -33.26 -4.80 2.57
C LEU B 307 -34.10 -4.90 1.30
N ILE B 308 -34.53 -6.12 0.95
CA ILE B 308 -35.39 -6.31 -0.22
C ILE B 308 -36.67 -5.48 -0.10
N LYS B 309 -37.27 -5.45 1.10
CA LYS B 309 -38.48 -4.67 1.31
C LYS B 309 -38.21 -3.17 1.37
N ILE B 310 -36.95 -2.76 1.44
CA ILE B 310 -36.61 -1.34 1.48
C ILE B 310 -36.32 -0.80 0.10
N LEU B 311 -35.66 -1.60 -0.74
CA LEU B 311 -35.29 -1.18 -2.08
C LEU B 311 -36.36 -1.50 -3.12
N GLU B 312 -37.43 -2.19 -2.74
CA GLU B 312 -38.43 -2.60 -3.72
C GLU B 312 -39.13 -1.40 -4.35
N PRO B 313 -39.62 -0.41 -3.59
CA PRO B 313 -40.22 0.76 -4.25
C PRO B 313 -39.26 1.47 -5.18
N ILE B 314 -37.96 1.50 -4.86
CA ILE B 314 -36.99 2.06 -5.79
C ILE B 314 -36.91 1.20 -7.04
N ARG B 315 -36.88 -0.12 -6.85
CA ARG B 315 -36.81 -1.04 -7.98
C ARG B 315 -38.03 -0.88 -8.90
N LYS B 316 -39.22 -0.71 -8.31
CA LYS B 316 -40.43 -0.58 -9.11
C LYS B 316 -40.40 0.69 -9.97
N ARG B 317 -39.85 1.78 -9.44
CA ARG B 317 -39.84 3.05 -10.15
C ARG B 317 -38.86 3.08 -11.32
N LEU B 318 -38.01 2.07 -11.47
CA LEU B 318 -37.09 2.00 -12.59
C LEU B 318 -37.54 0.95 -13.60
N MET C 13 25.84 15.74 17.95
CA MET C 13 25.01 15.49 16.75
C MET C 13 23.87 14.53 17.06
N ASP C 14 24.21 13.31 17.46
CA ASP C 14 23.18 12.32 17.79
C ASP C 14 22.44 12.71 19.07
N GLU C 15 23.13 13.30 20.04
CA GLU C 15 22.46 13.73 21.27
C GLU C 15 21.38 14.76 20.96
N PHE C 16 21.70 15.75 20.12
CA PHE C 16 20.70 16.75 19.75
C PHE C 16 19.51 16.11 19.06
N GLU C 17 19.77 15.18 18.15
CA GLU C 17 18.68 14.50 17.45
C GLU C 17 17.79 13.72 18.42
N MET C 18 18.40 13.05 19.41
CA MET C 18 17.61 12.28 20.36
C MET C 18 16.80 13.20 21.28
N ILE C 19 17.31 14.38 21.59
CA ILE C 19 16.57 15.32 22.42
C ILE C 19 15.41 15.92 21.64
N LYS C 20 15.65 16.30 20.39
CA LYS C 20 14.61 16.95 19.58
C LYS C 20 13.52 15.99 19.16
N ARG C 21 13.80 14.68 19.11
CA ARG C 21 12.85 13.73 18.59
C ARG C 21 11.50 13.84 19.31
N ASN C 22 10.45 14.10 18.54
CA ASN C 22 9.07 14.12 19.02
C ASN C 22 8.79 15.29 19.96
N THR C 23 9.54 16.39 19.82
CA THR C 23 9.23 17.62 20.52
C THR C 23 8.49 18.58 19.59
N SER C 24 7.63 19.41 20.18
CA SER C 24 6.92 20.42 19.41
C SER C 24 7.80 21.63 19.13
N GLU C 25 8.69 21.99 20.05
CA GLU C 25 9.58 23.12 19.83
C GLU C 25 10.67 23.13 20.88
N ILE C 26 11.81 23.71 20.51
CA ILE C 26 12.92 23.96 21.41
C ILE C 26 13.26 25.44 21.29
N ILE C 27 13.28 26.14 22.42
CA ILE C 27 13.55 27.58 22.44
C ILE C 27 14.86 27.84 23.18
N SER C 28 16.00 27.95 22.49
CA SER C 28 16.14 27.72 21.05
C SER C 28 17.12 26.58 20.79
N GLU C 29 17.08 26.05 19.57
CA GLU C 29 18.02 25.01 19.17
C GLU C 29 19.45 25.50 19.26
N GLU C 30 19.69 26.74 18.83
CA GLU C 30 21.02 27.33 18.94
C GLU C 30 21.52 27.30 20.38
N GLU C 31 20.70 27.81 21.31
CA GLU C 31 21.09 27.80 22.72
C GLU C 31 21.28 26.39 23.24
N LEU C 32 20.41 25.46 22.84
CA LEU C 32 20.53 24.08 23.30
C LEU C 32 21.89 23.49 22.94
N ARG C 33 22.46 23.86 21.80
CA ARG C 33 23.74 23.31 21.41
CA ARG C 33 23.74 23.30 21.41
C ARG C 33 24.86 23.80 22.31
N GLU C 34 24.81 25.07 22.72
CA GLU C 34 25.77 25.56 23.70
C GLU C 34 25.66 24.81 25.02
N VAL C 35 24.44 24.49 25.44
CA VAL C 35 24.25 23.75 26.69
C VAL C 35 24.93 22.39 26.61
N LEU C 36 24.90 21.75 25.43
CA LEU C 36 25.44 20.41 25.30
C LEU C 36 26.96 20.39 25.41
N LYS C 37 27.62 21.54 25.21
CA LYS C 37 29.06 21.63 25.36
C LYS C 37 29.53 21.68 26.81
N LYS C 38 28.67 22.05 27.75
CA LYS C 38 29.10 22.13 29.15
C LYS C 38 29.31 20.74 29.74
N ASP C 39 30.30 20.65 30.63
CA ASP C 39 30.56 19.40 31.33
C ASP C 39 29.38 18.99 32.20
N GLU C 40 28.77 19.96 32.87
CA GLU C 40 27.60 19.72 33.70
C GLU C 40 26.41 20.48 33.14
N LYS C 41 25.24 19.86 33.22
CA LYS C 41 24.02 20.44 32.67
C LYS C 41 22.84 19.74 33.35
N SER C 42 21.74 20.48 33.47
CA SER C 42 20.61 20.01 34.25
C SER C 42 19.31 20.43 33.59
N ALA C 43 18.26 19.63 33.83
CA ALA C 43 16.95 19.86 33.24
C ALA C 43 15.88 19.55 34.29
N GLY C 44 14.79 20.29 34.23
CA GLY C 44 13.72 20.14 35.19
C GLY C 44 12.37 20.14 34.51
N ILE C 45 11.48 19.28 35.01
CA ILE C 45 10.05 19.33 34.68
C ILE C 45 9.31 19.21 36.00
N GLY C 46 8.13 19.79 36.05
CA GLY C 46 7.29 19.70 37.23
C GLY C 46 5.90 19.25 36.87
N PHE C 47 5.26 18.60 37.84
CA PHE C 47 3.92 18.07 37.67
C PHE C 47 3.09 18.44 38.88
N GLU C 48 1.91 18.99 38.64
CA GLU C 48 0.89 18.99 39.67
C GLU C 48 0.56 17.55 39.97
N PRO C 49 0.78 17.06 41.20
CA PRO C 49 0.51 15.65 41.48
C PRO C 49 -0.88 15.24 40.99
N SER C 50 -0.93 14.10 40.32
CA SER C 50 -2.15 13.63 39.66
C SER C 50 -2.50 12.24 40.14
N GLY C 51 -3.79 12.01 40.37
CA GLY C 51 -4.24 10.71 40.83
C GLY C 51 -3.93 9.61 39.83
N LYS C 52 -4.18 9.87 38.55
CA LYS C 52 -3.87 8.95 37.47
C LYS C 52 -2.71 9.49 36.65
N ILE C 53 -1.68 8.67 36.48
CA ILE C 53 -0.56 8.99 35.61
C ILE C 53 -0.81 8.30 34.28
N HIS C 54 -0.99 9.09 33.23
CA HIS C 54 -1.39 8.58 31.93
C HIS C 54 -0.29 8.85 30.90
N LEU C 55 -0.57 8.47 29.65
CA LEU C 55 0.42 8.57 28.59
C LEU C 55 0.90 10.02 28.43
N GLY C 56 0.02 11.00 28.64
CA GLY C 56 0.46 12.38 28.65
C GLY C 56 1.65 12.60 29.56
N HIS C 57 1.57 12.10 30.79
CA HIS C 57 2.72 12.17 31.69
C HIS C 57 3.88 11.34 31.17
N TYR C 58 3.60 10.15 30.64
CA TYR C 58 4.66 9.25 30.22
C TYR C 58 5.48 9.86 29.08
N LEU C 59 4.81 10.55 28.15
CA LEU C 59 5.50 11.22 27.07
C LEU C 59 6.58 12.15 27.60
N GLN C 60 6.26 12.91 28.65
CA GLN C 60 7.20 13.88 29.20
C GLN C 60 8.35 13.19 29.92
N ILE C 61 8.06 12.15 30.69
CA ILE C 61 9.12 11.42 31.38
C ILE C 61 10.07 10.78 30.39
N LYS C 62 9.54 10.27 29.27
CA LYS C 62 10.39 9.74 28.21
C LYS C 62 11.38 10.81 27.73
N LYS C 63 10.91 12.05 27.58
CA LYS C 63 11.80 13.12 27.15
C LYS C 63 12.86 13.43 28.19
N MET C 64 12.49 13.33 29.48
CA MET C 64 13.48 13.52 30.54
C MET C 64 14.52 12.41 30.52
N ILE C 65 14.10 11.18 30.18
CA ILE C 65 15.05 10.08 30.05
C ILE C 65 15.99 10.33 28.88
N ASP C 66 15.47 10.89 27.78
CA ASP C 66 16.31 11.25 26.65
C ASP C 66 17.38 12.26 27.05
N LEU C 67 17.00 13.27 27.85
CA LEU C 67 17.96 14.27 28.29
C LEU C 67 19.00 13.66 29.23
N GLN C 68 18.56 12.77 30.11
CA GLN C 68 19.48 12.08 31.01
C GLN C 68 20.57 11.35 30.23
N ASN C 69 20.19 10.62 29.19
CA ASN C 69 21.17 9.89 28.38
C ASN C 69 22.09 10.82 27.61
N ALA C 70 21.75 12.09 27.48
CA ALA C 70 22.60 13.08 26.85
C ALA C 70 23.47 13.83 27.86
N GLY C 71 23.59 13.32 29.09
CA GLY C 71 24.46 13.90 30.08
C GLY C 71 23.82 14.92 30.99
N PHE C 72 22.49 15.04 30.98
CA PHE C 72 21.80 15.97 31.85
C PHE C 72 21.52 15.34 33.22
N ASP C 73 21.75 16.13 34.26
CA ASP C 73 21.19 15.83 35.57
C ASP C 73 19.72 16.24 35.59
N ILE C 74 18.87 15.38 36.13
CA ILE C 74 17.42 15.55 36.02
C ILE C 74 16.85 15.91 37.38
N ILE C 75 15.93 16.88 37.37
CA ILE C 75 15.17 17.26 38.56
C ILE C 75 13.69 17.13 38.21
N ILE C 76 12.94 16.40 39.02
CA ILE C 76 11.50 16.33 38.91
C ILE C 76 10.91 17.13 40.06
N TRP C 77 10.12 18.15 39.72
CA TRP C 77 9.53 19.04 40.70
C TRP C 77 8.07 18.63 40.90
N LEU C 78 7.77 18.02 42.03
CA LEU C 78 6.39 17.63 42.35
C LEU C 78 5.73 18.86 42.95
N ALA C 79 4.87 19.52 42.15
CA ALA C 79 4.34 20.83 42.49
C ALA C 79 3.06 20.69 43.32
N ASP C 80 3.26 20.30 44.59
CA ASP C 80 2.12 20.16 45.49
C ASP C 80 1.51 21.52 45.81
N LEU C 81 2.34 22.53 46.06
CA LEU C 81 1.82 23.86 46.32
C LEU C 81 1.18 24.45 45.07
N GLY C 82 1.78 24.20 43.91
CA GLY C 82 1.17 24.63 42.65
C GLY C 82 -0.19 23.99 42.45
N ALA C 83 -0.28 22.68 42.67
CA ALA C 83 -1.57 22.00 42.60
C ALA C 83 -2.54 22.56 43.63
N TYR C 84 -2.04 22.98 44.79
CA TYR C 84 -2.89 23.60 45.80
C TYR C 84 -3.44 24.92 45.30
N LEU C 85 -2.56 25.79 44.78
CA LEU C 85 -3.02 27.06 44.22
C LEU C 85 -3.92 26.88 43.02
N ASN C 86 -3.90 25.70 42.39
CA ASN C 86 -4.73 25.43 41.22
C ASN C 86 -5.95 24.57 41.55
N GLN C 87 -6.43 24.66 42.80
CA GLN C 87 -7.74 24.14 43.19
C GLN C 87 -7.83 22.62 43.03
N LYS C 88 -6.78 21.91 43.43
CA LYS C 88 -6.77 20.46 43.36
C LYS C 88 -7.02 19.80 44.72
N GLY C 89 -7.36 20.59 45.75
CA GLY C 89 -7.75 20.04 47.03
C GLY C 89 -6.81 20.47 48.15
N GLU C 90 -6.78 19.62 49.19
CA GLU C 90 -5.98 19.89 50.37
C GLU C 90 -4.51 19.63 50.11
N LEU C 91 -3.65 20.48 50.68
CA LEU C 91 -2.21 20.30 50.50
C LEU C 91 -1.75 18.96 51.05
N ASP C 92 -2.36 18.51 52.16
CA ASP C 92 -1.93 17.25 52.78
C ASP C 92 -2.17 16.07 51.84
N GLU C 93 -3.33 16.06 51.17
CA GLU C 93 -3.63 14.99 50.23
C GLU C 93 -2.74 15.06 49.01
N ILE C 94 -2.45 16.27 48.52
CA ILE C 94 -1.66 16.42 47.30
C ILE C 94 -0.27 15.83 47.50
N ARG C 95 0.36 16.09 48.64
CA ARG C 95 1.68 15.54 48.91
C ARG C 95 1.68 14.02 48.81
N LYS C 96 0.65 13.36 49.36
CA LYS C 96 0.61 11.90 49.29
C LYS C 96 0.57 11.45 47.83
N ILE C 97 -0.19 12.14 47.00
CA ILE C 97 -0.26 11.78 45.58
C ILE C 97 1.10 11.94 44.94
N GLY C 98 1.84 12.99 45.33
CA GLY C 98 3.18 13.16 44.81
C GLY C 98 4.09 12.00 45.15
N ASP C 99 3.91 11.41 46.34
CA ASP C 99 4.66 10.21 46.69
C ASP C 99 4.38 9.09 45.70
N TYR C 100 3.10 8.89 45.38
CA TYR C 100 2.73 7.88 44.40
C TYR C 100 3.33 8.21 43.04
N ASN C 101 3.28 9.48 42.64
CA ASN C 101 3.86 9.88 41.35
C ASN C 101 5.36 9.61 41.32
N LYS C 102 6.06 9.85 42.43
CA LYS C 102 7.48 9.56 42.47
C LYS C 102 7.75 8.07 42.22
N LYS C 103 6.94 7.18 42.81
CA LYS C 103 7.06 5.76 42.48
C LYS C 103 6.86 5.51 40.99
N VAL C 104 5.78 6.06 40.42
CA VAL C 104 5.47 5.80 39.02
C VAL C 104 6.62 6.24 38.13
N PHE C 105 7.16 7.44 38.38
CA PHE C 105 8.23 7.96 37.54
C PHE C 105 9.48 7.09 37.65
N GLU C 106 9.76 6.56 38.85
CA GLU C 106 10.86 5.63 39.00
C GLU C 106 10.58 4.31 38.30
N ALA C 107 9.32 3.85 38.35
CA ALA C 107 8.95 2.63 37.64
C ALA C 107 9.12 2.80 36.13
N MET C 108 9.00 4.03 35.63
CA MET C 108 9.28 4.31 34.23
C MET C 108 10.77 4.29 33.91
N GLY C 109 11.63 4.10 34.91
CA GLY C 109 13.06 4.01 34.68
C GLY C 109 13.81 5.32 34.67
N LEU C 110 13.26 6.36 35.28
CA LEU C 110 13.94 7.64 35.41
C LEU C 110 14.56 7.72 36.80
N LYS C 111 15.90 7.68 36.86
CA LYS C 111 16.64 7.98 38.08
C LYS C 111 16.89 9.48 38.11
N ALA C 112 16.17 10.19 38.97
CA ALA C 112 16.24 11.64 39.02
C ALA C 112 16.19 12.12 40.45
N LYS C 113 16.55 13.38 40.65
CA LYS C 113 16.39 14.04 41.94
C LYS C 113 14.94 14.49 42.04
N TYR C 114 14.18 13.89 42.93
CA TYR C 114 12.76 14.20 43.13
C TYR C 114 12.59 15.20 44.25
N VAL C 115 11.98 16.34 43.93
CA VAL C 115 11.83 17.44 44.87
C VAL C 115 10.35 17.76 45.07
N TYR C 116 9.94 17.94 46.33
CA TYR C 116 8.60 18.39 46.65
C TYR C 116 8.60 19.90 46.80
N GLY C 117 7.67 20.55 46.10
CA GLY C 117 7.65 22.00 46.08
C GLY C 117 7.59 22.62 47.47
N SER C 118 6.60 22.20 48.27
CA SER C 118 6.38 22.83 49.57
C SER C 118 7.62 22.74 50.46
N GLU C 119 8.44 21.70 50.29
CA GLU C 119 9.67 21.57 51.07
C GLU C 119 10.73 22.58 50.66
N HIS C 120 10.51 23.28 49.55
CA HIS C 120 11.38 24.38 49.11
C HIS C 120 10.63 25.66 48.84
N ASN C 121 9.32 25.59 48.60
CA ASN C 121 8.52 26.71 48.14
C ASN C 121 8.20 27.73 49.24
N LEU C 122 8.55 27.43 50.48
CA LEU C 122 8.17 28.26 51.61
C LEU C 122 9.36 28.85 52.35
N ASP C 123 10.58 28.56 51.93
CA ASP C 123 11.76 29.15 52.55
C ASP C 123 11.75 30.66 52.33
N LYS C 124 12.29 31.39 53.31
CA LYS C 124 12.24 32.86 53.26
C LYS C 124 12.90 33.39 51.99
N ASP C 125 14.04 32.80 51.58
CA ASP C 125 14.73 33.29 50.40
C ASP C 125 13.96 32.96 49.14
N TYR C 126 13.32 31.79 49.10
CA TYR C 126 12.47 31.44 47.97
C TYR C 126 11.29 32.41 47.87
N THR C 127 10.59 32.63 48.98
CA THR C 127 9.44 33.51 48.98
C THR C 127 9.80 34.93 48.56
N LEU C 128 10.93 35.45 49.06
CA LEU C 128 11.32 36.81 48.72
C LEU C 128 11.53 36.96 47.21
N ASN C 129 12.09 35.94 46.57
CA ASN C 129 12.25 35.98 45.13
C ASN C 129 10.90 35.89 44.41
N VAL C 130 9.95 35.16 44.98
CA VAL C 130 8.60 35.15 44.42
C VAL C 130 8.06 36.57 44.33
N TYR C 131 8.30 37.37 45.37
CA TYR C 131 7.81 38.74 45.41
C TYR C 131 8.63 39.66 44.53
N ARG C 132 9.93 39.40 44.37
CA ARG C 132 10.70 40.13 43.37
C ARG C 132 10.12 39.93 41.98
N LEU C 133 9.80 38.69 41.62
CA LEU C 133 9.21 38.41 40.32
C LEU C 133 7.81 39.00 40.21
N ALA C 134 7.07 39.07 41.31
CA ALA C 134 5.74 39.65 41.28
C ALA C 134 5.78 41.13 40.92
N LEU C 135 6.86 41.83 41.26
CA LEU C 135 6.99 43.22 40.83
C LEU C 135 7.17 43.31 39.31
N LYS C 136 7.76 42.29 38.70
CA LYS C 136 8.11 42.35 37.29
C LYS C 136 7.04 41.76 36.38
N THR C 137 6.01 41.15 36.95
CA THR C 137 5.01 40.43 36.18
C THR C 137 3.69 41.19 36.25
N THR C 138 3.19 41.60 35.08
CA THR C 138 1.89 42.23 35.02
C THR C 138 0.80 41.20 35.30
N LEU C 139 -0.32 41.69 35.82
CA LEU C 139 -1.46 40.80 36.04
C LEU C 139 -1.96 40.21 34.73
N LYS C 140 -2.14 41.06 33.71
CA LYS C 140 -2.62 40.56 32.43
C LYS C 140 -1.70 39.48 31.86
N ARG C 141 -0.39 39.64 32.05
CA ARG C 141 0.54 38.63 31.54
C ARG C 141 0.45 37.34 32.34
N ALA C 142 0.42 37.44 33.67
CA ALA C 142 0.32 36.23 34.48
C ALA C 142 -0.99 35.50 34.20
N ARG C 143 -2.08 36.26 34.08
CA ARG C 143 -3.36 35.66 33.73
C ARG C 143 -3.30 34.97 32.38
N ARG C 144 -2.68 35.61 31.39
CA ARG C 144 -2.59 35.02 30.06
C ARG C 144 -1.80 33.72 30.09
N SER C 145 -0.74 33.65 30.90
CA SER C 145 0.08 32.46 30.95
C SER C 145 -0.66 31.26 31.52
N MET C 146 -1.80 31.47 32.18
CA MET C 146 -2.55 30.41 32.82
C MET C 146 -3.79 30.02 32.02
N GLU C 147 -3.94 30.53 30.79
CA GLU C 147 -5.13 30.27 30.00
C GLU C 147 -5.39 28.77 29.87
N LEU C 148 -4.34 27.99 29.62
CA LEU C 148 -4.46 26.56 29.38
C LEU C 148 -4.18 25.71 30.61
N ILE C 149 -3.83 26.32 31.75
CA ILE C 149 -3.44 25.58 32.94
C ILE C 149 -4.49 25.71 34.05
N ALA C 150 -5.06 26.90 34.22
CA ALA C 150 -5.93 27.15 35.35
C ALA C 150 -7.22 26.36 35.24
N ARG C 151 -7.57 25.66 36.32
CA ARG C 151 -8.88 25.03 36.40
C ARG C 151 -9.96 26.10 36.24
N GLU C 152 -10.99 25.77 35.46
CA GLU C 152 -12.02 26.75 35.14
C GLU C 152 -12.61 27.35 36.41
N ASP C 153 -12.75 28.67 36.42
CA ASP C 153 -13.31 29.37 37.58
C ASP C 153 -13.88 30.69 37.08
N GLU C 154 -15.17 30.92 37.33
CA GLU C 154 -15.81 32.16 36.91
C GLU C 154 -15.58 33.31 37.87
N ASN C 155 -14.93 33.06 39.00
CA ASN C 155 -14.45 34.11 39.90
C ASN C 155 -12.98 33.83 40.16
N PRO C 156 -12.10 34.19 39.22
CA PRO C 156 -10.68 33.81 39.33
C PRO C 156 -10.05 34.37 40.60
N LYS C 157 -9.28 33.51 41.27
CA LYS C 157 -8.67 33.85 42.55
C LYS C 157 -7.25 34.37 42.37
N VAL C 158 -6.77 35.07 43.39
CA VAL C 158 -5.40 35.59 43.38
C VAL C 158 -4.39 34.48 43.23
N ALA C 159 -4.69 33.28 43.75
CA ALA C 159 -3.81 32.15 43.59
C ALA C 159 -3.49 31.86 42.13
N GLU C 160 -4.36 32.27 41.22
CA GLU C 160 -4.16 31.97 39.81
C GLU C 160 -2.95 32.72 39.23
N VAL C 161 -2.67 33.93 39.74
CA VAL C 161 -1.54 34.70 39.24
C VAL C 161 -0.29 34.53 40.10
N ILE C 162 -0.41 33.89 41.26
CA ILE C 162 0.78 33.54 42.04
C ILE C 162 1.41 32.28 41.47
N TYR C 163 0.60 31.38 40.94
CA TYR C 163 1.01 30.10 40.38
C TYR C 163 2.14 30.30 39.35
N PRO C 164 1.96 31.10 38.31
CA PRO C 164 3.04 31.25 37.31
C PRO C 164 4.31 31.82 37.90
N ILE C 165 4.21 32.72 38.89
CA ILE C 165 5.41 33.27 39.52
C ILE C 165 6.17 32.19 40.25
N MET C 166 5.46 31.25 40.87
CA MET C 166 6.14 30.16 41.56
C MET C 166 6.86 29.23 40.57
N GLN C 167 6.25 28.98 39.41
CA GLN C 167 6.89 28.14 38.42
C GLN C 167 8.10 28.82 37.80
N VAL C 168 8.02 30.12 37.55
CA VAL C 168 9.17 30.85 37.04
C VAL C 168 10.32 30.78 38.03
N ASN C 169 10.02 30.89 39.32
CA ASN C 169 11.08 30.88 40.33
C ASN C 169 11.66 29.49 40.54
N ALA C 170 10.85 28.44 40.37
CA ALA C 170 11.37 27.08 40.49
C ALA C 170 12.47 26.83 39.47
N ILE C 171 12.29 27.31 38.24
CA ILE C 171 13.34 27.20 37.23
C ILE C 171 14.62 27.87 37.73
N HIS C 172 14.50 29.13 38.16
CA HIS C 172 15.66 29.84 38.68
C HIS C 172 16.25 29.12 39.89
N TYR C 173 15.38 28.72 40.83
CA TYR C 173 15.87 28.07 42.05
C TYR C 173 16.60 26.78 41.74
N ASN C 174 16.08 25.99 40.79
CA ASN C 174 16.73 24.73 40.44
C ASN C 174 18.04 24.96 39.70
N GLY C 175 18.24 26.14 39.11
CA GLY C 175 19.47 26.41 38.38
C GLY C 175 19.63 25.62 37.11
N VAL C 176 18.54 25.17 36.51
CA VAL C 176 18.63 24.26 35.36
C VAL C 176 18.90 25.05 34.09
N ASP C 177 19.62 24.40 33.17
CA ASP C 177 19.82 24.96 31.85
C ASP C 177 18.61 24.76 30.96
N VAL C 178 17.85 23.69 31.18
CA VAL C 178 16.72 23.33 30.34
C VAL C 178 15.47 23.18 31.20
N ALA C 179 14.36 23.72 30.72
CA ALA C 179 13.05 23.53 31.32
C ALA C 179 12.19 22.77 30.32
N VAL C 180 11.56 21.70 30.78
CA VAL C 180 10.73 20.85 29.94
C VAL C 180 9.29 20.94 30.39
N GLY C 181 8.38 20.86 29.43
CA GLY C 181 6.96 20.86 29.73
C GLY C 181 6.15 20.61 28.47
N GLY C 182 4.84 20.56 28.66
CA GLY C 182 3.94 20.50 27.52
C GLY C 182 3.81 21.86 26.86
N MET C 183 3.26 21.85 25.64
CA MET C 183 3.09 23.09 24.90
C MET C 183 2.24 24.11 25.66
N GLU C 184 1.37 23.63 26.56
CA GLU C 184 0.57 24.56 27.36
C GLU C 184 1.41 25.29 28.40
N GLN C 185 2.65 24.85 28.63
CA GLN C 185 3.57 25.51 29.54
C GLN C 185 4.36 26.63 28.90
N ARG C 186 4.11 26.94 27.62
CA ARG C 186 5.07 27.72 26.86
C ARG C 186 5.02 29.21 27.24
N LYS C 187 3.84 29.74 27.56
CA LYS C 187 3.78 31.15 27.95
C LYS C 187 4.45 31.37 29.30
N ILE C 188 4.31 30.42 30.23
CA ILE C 188 5.00 30.53 31.51
C ILE C 188 6.50 30.44 31.29
N HIS C 189 6.94 29.49 30.46
CA HIS C 189 8.37 29.32 30.21
C HIS C 189 8.94 30.51 29.45
N MET C 190 8.17 31.08 28.53
CA MET C 190 8.59 32.30 27.86
C MET C 190 8.66 33.48 28.83
N LEU C 191 7.76 33.50 29.82
CA LEU C 191 7.86 34.50 30.87
C LEU C 191 9.16 34.35 31.65
N ALA C 192 9.55 33.12 31.96
CA ALA C 192 10.79 32.89 32.71
C ALA C 192 12.01 33.35 31.92
N ARG C 193 11.96 33.24 30.59
CA ARG C 193 13.07 33.71 29.76
C ARG C 193 13.21 35.22 29.81
N GLU C 194 12.11 35.95 29.95
CA GLU C 194 12.17 37.40 30.04
C GLU C 194 12.64 37.86 31.41
N LEU C 195 12.13 37.24 32.47
CA LEU C 195 12.32 37.75 33.83
C LEU C 195 13.61 37.28 34.48
N LEU C 196 14.11 36.10 34.13
CA LEU C 196 15.28 35.60 34.85
C LEU C 196 16.56 36.11 34.17
N PRO C 197 17.64 36.30 34.95
CA PRO C 197 18.84 36.89 34.35
C PRO C 197 19.45 36.05 33.24
N LYS C 198 19.42 34.72 33.37
CA LYS C 198 20.00 33.83 32.37
C LYS C 198 18.87 33.12 31.61
N LYS C 199 18.80 33.37 30.31
CA LYS C 199 17.82 32.70 29.46
C LYS C 199 17.94 31.19 29.56
N VAL C 200 16.82 30.53 29.85
CA VAL C 200 16.76 29.08 30.01
C VAL C 200 16.20 28.47 28.73
N VAL C 201 16.78 27.34 28.31
CA VAL C 201 16.34 26.64 27.12
C VAL C 201 15.07 25.86 27.44
N CYS C 202 14.05 26.03 26.62
CA CYS C 202 12.73 25.46 26.86
C CYS C 202 12.46 24.39 25.81
N ILE C 203 12.18 23.17 26.28
CA ILE C 203 11.80 22.06 25.41
C ILE C 203 10.34 21.73 25.71
N HIS C 204 9.49 21.84 24.69
CA HIS C 204 8.06 21.63 24.84
C HIS C 204 7.62 20.40 24.05
N ASN C 205 6.89 19.52 24.71
CA ASN C 205 6.37 18.32 24.09
C ASN C 205 4.93 18.56 23.62
N PRO C 206 4.45 17.79 22.66
CA PRO C 206 3.10 18.01 22.16
C PRO C 206 2.05 17.59 23.17
N VAL C 207 0.86 18.14 23.01
CA VAL C 207 -0.28 17.82 23.85
C VAL C 207 -1.00 16.63 23.22
N LEU C 208 -1.07 15.52 23.96
CA LEU C 208 -1.75 14.34 23.44
C LEU C 208 -3.24 14.58 23.34
N THR C 209 -3.85 14.03 22.29
CA THR C 209 -5.30 14.07 22.13
C THR C 209 -5.94 13.00 23.00
N GLY C 210 -7.07 13.34 23.61
CA GLY C 210 -7.79 12.36 24.39
C GLY C 210 -8.38 11.27 23.52
N LEU C 211 -8.63 10.12 24.13
CA LEU C 211 -9.13 8.98 23.38
C LEU C 211 -10.43 9.29 22.64
N ASP C 212 -11.28 10.15 23.20
CA ASP C 212 -12.52 10.48 22.49
C ASP C 212 -12.35 11.58 21.46
N GLY C 213 -11.12 11.99 21.16
CA GLY C 213 -10.89 12.99 20.14
C GLY C 213 -11.39 14.38 20.47
N GLU C 214 -11.81 14.62 21.71
CA GLU C 214 -12.53 15.85 22.06
C GLU C 214 -11.63 16.94 22.62
N GLY C 215 -10.37 16.65 22.89
CA GLY C 215 -9.56 17.54 23.69
C GLY C 215 -8.33 16.83 24.20
N LYS C 216 -7.58 17.52 25.05
CA LYS C 216 -6.34 16.99 25.59
C LYS C 216 -6.64 15.73 26.40
N MET C 217 -5.61 14.90 26.58
CA MET C 217 -5.74 13.69 27.40
C MET C 217 -5.63 14.11 28.86
N SER C 218 -6.77 14.15 29.55
CA SER C 218 -6.82 14.57 30.94
C SER C 218 -7.53 13.54 31.81
N SER C 219 -6.95 13.27 32.98
CA SER C 219 -7.65 12.46 33.98
C SER C 219 -9.01 13.07 34.29
N SER C 220 -9.09 14.41 34.25
CA SER C 220 -10.32 15.10 34.62
C SER C 220 -11.47 14.78 33.70
N LYS C 221 -11.19 14.42 32.44
CA LYS C 221 -12.23 14.17 31.45
C LYS C 221 -12.52 12.69 31.24
N GLY C 222 -11.68 11.79 31.74
CA GLY C 222 -11.94 10.37 31.60
C GLY C 222 -11.71 9.82 30.21
N ASN C 223 -10.66 10.28 29.53
CA ASN C 223 -10.34 9.92 28.14
C ASN C 223 -8.86 9.62 27.98
N PHE C 224 -8.32 8.76 28.85
CA PHE C 224 -6.88 8.54 28.96
C PHE C 224 -6.54 7.06 29.10
N ILE C 225 -5.27 6.76 28.86
CA ILE C 225 -4.67 5.46 29.15
C ILE C 225 -3.73 5.65 30.33
N ALA C 226 -4.10 5.14 31.49
CA ALA C 226 -3.21 5.17 32.64
C ALA C 226 -2.12 4.11 32.47
N VAL C 227 -0.90 4.44 32.92
CA VAL C 227 0.20 3.51 32.79
C VAL C 227 0.05 2.28 33.69
N ASP C 228 -0.89 2.32 34.63
CA ASP C 228 -1.19 1.15 35.46
C ASP C 228 -2.52 0.51 35.09
N ASP C 229 -3.16 0.95 34.01
CA ASP C 229 -4.36 0.29 33.52
C ASP C 229 -4.06 -1.17 33.19
N SER C 230 -5.05 -2.04 33.45
CA SER C 230 -4.91 -3.45 33.13
C SER C 230 -5.05 -3.66 31.63
N PRO C 231 -4.52 -4.77 31.10
CA PRO C 231 -4.72 -5.06 29.68
C PRO C 231 -6.17 -4.97 29.23
N GLU C 232 -7.12 -5.39 30.07
CA GLU C 232 -8.53 -5.24 29.71
C GLU C 232 -8.88 -3.78 29.49
N GLU C 233 -8.56 -2.92 30.46
CA GLU C 233 -8.92 -1.51 30.35
C GLU C 233 -8.24 -0.86 29.15
N ILE C 234 -6.97 -1.23 28.88
CA ILE C 234 -6.28 -0.67 27.72
C ILE C 234 -7.01 -1.09 26.44
N ARG C 235 -7.29 -2.39 26.31
CA ARG C 235 -8.03 -2.88 25.14
C ARG C 235 -9.38 -2.19 25.04
N ALA C 236 -10.16 -2.19 26.13
CA ALA C 236 -11.49 -1.59 26.09
C ALA C 236 -11.42 -0.11 25.73
N LYS C 237 -10.52 0.64 26.38
CA LYS C 237 -10.40 2.06 26.11
C LYS C 237 -9.99 2.33 24.67
N ILE C 238 -9.05 1.54 24.13
CA ILE C 238 -8.57 1.76 22.77
C ILE C 238 -9.56 1.25 21.73
N LYS C 239 -10.32 0.20 22.04
CA LYS C 239 -11.27 -0.34 21.07
C LYS C 239 -12.31 0.70 20.67
N LYS C 240 -12.68 1.61 21.59
CA LYS C 240 -13.74 2.58 21.32
C LYS C 240 -13.23 4.01 21.21
N ALA C 241 -11.94 4.21 21.01
CA ALA C 241 -11.36 5.54 20.87
C ALA C 241 -11.68 6.13 19.49
N TYR C 242 -11.57 7.45 19.40
CA TYR C 242 -11.76 8.13 18.12
C TYR C 242 -10.65 7.72 17.18
N CYS C 243 -11.04 7.22 16.01
CA CYS C 243 -10.06 6.72 15.06
C CYS C 243 -10.69 6.50 13.69
N PRO C 244 -11.08 7.56 12.99
CA PRO C 244 -11.72 7.38 11.69
C PRO C 244 -10.73 6.87 10.65
N ALA C 245 -11.22 6.02 9.75
CA ALA C 245 -10.35 5.53 8.69
C ALA C 245 -9.81 6.69 7.88
N GLY C 246 -8.50 6.64 7.63
CA GLY C 246 -7.81 7.63 6.82
C GLY C 246 -7.56 8.96 7.47
N VAL C 247 -7.92 9.16 8.73
CA VAL C 247 -7.78 10.47 9.35
C VAL C 247 -6.60 10.39 10.31
N VAL C 248 -5.56 11.17 10.05
CA VAL C 248 -4.37 11.17 10.93
C VAL C 248 -4.41 12.34 11.89
N GLU C 249 -4.60 13.55 11.37
CA GLU C 249 -4.73 14.73 12.23
C GLU C 249 -5.82 14.51 13.27
N GLY C 250 -5.47 14.77 14.52
CA GLY C 250 -6.42 14.67 15.61
C GLY C 250 -6.79 13.24 15.99
N ASN C 251 -6.07 12.25 15.50
CA ASN C 251 -6.41 10.87 15.80
C ASN C 251 -5.59 10.34 16.98
N PRO C 252 -6.18 10.13 18.16
CA PRO C 252 -5.36 9.72 19.32
C PRO C 252 -4.60 8.41 19.14
N ILE C 253 -5.14 7.47 18.35
CA ILE C 253 -4.45 6.18 18.19
C ILE C 253 -3.19 6.35 17.35
N MET C 254 -3.24 7.21 16.32
CA MET C 254 -2.06 7.48 15.52
C MET C 254 -1.00 8.21 16.34
N GLU C 255 -1.43 9.10 17.24
CA GLU C 255 -0.49 9.80 18.11
C GLU C 255 0.21 8.81 19.04
N ILE C 256 -0.53 7.83 19.56
CA ILE C 256 0.09 6.82 20.42
C ILE C 256 1.09 5.99 19.64
N ALA C 257 0.77 5.66 18.38
CA ALA C 257 1.71 4.94 17.55
C ALA C 257 2.95 5.78 17.28
N LYS C 258 2.77 7.09 17.14
CA LYS C 258 3.89 7.97 16.84
C LYS C 258 4.84 8.11 18.01
N TYR C 259 4.30 8.19 19.22
CA TYR C 259 5.07 8.63 20.38
C TYR C 259 5.50 7.51 21.32
N PHE C 260 4.96 6.31 21.18
CA PHE C 260 5.22 5.26 22.17
C PHE C 260 5.67 3.94 21.56
N LEU C 261 5.26 3.65 20.34
CA LEU C 261 5.57 2.37 19.74
C LEU C 261 6.99 2.37 19.17
N GLU C 262 7.59 1.18 19.15
CA GLU C 262 8.94 1.00 18.64
C GLU C 262 8.86 0.48 17.21
N TYR C 263 9.64 1.08 16.33
CA TYR C 263 9.64 0.68 14.93
C TYR C 263 11.01 0.13 14.56
N PRO C 264 11.06 -0.85 13.65
CA PRO C 264 9.92 -1.42 12.91
C PRO C 264 9.05 -2.36 13.75
N LEU C 265 7.81 -2.58 13.32
CA LEU C 265 6.85 -3.40 14.03
C LEU C 265 5.93 -4.05 13.00
N THR C 266 5.37 -5.20 13.37
CA THR C 266 4.54 -5.99 12.47
C THR C 266 3.11 -5.99 12.97
N ILE C 267 2.18 -5.68 12.08
CA ILE C 267 0.74 -5.78 12.37
C ILE C 267 0.25 -7.10 11.82
N LYS C 268 -0.26 -7.96 12.69
CA LYS C 268 -0.78 -9.27 12.30
C LYS C 268 -2.14 -9.08 11.63
N ARG C 269 -2.28 -9.56 10.39
CA ARG C 269 -3.57 -9.54 9.73
C ARG C 269 -3.76 -10.85 8.96
N PRO C 270 -4.99 -11.35 8.88
CA PRO C 270 -5.24 -12.52 8.05
C PRO C 270 -4.94 -12.23 6.58
N GLU C 271 -4.61 -13.28 5.83
CA GLU C 271 -4.28 -13.14 4.43
C GLU C 271 -5.45 -12.65 3.57
N LYS C 272 -6.69 -12.75 4.04
CA LYS C 272 -7.78 -12.18 3.27
C LYS C 272 -7.77 -10.66 3.31
N PHE C 273 -7.13 -10.05 4.32
CA PHE C 273 -6.94 -8.61 4.39
C PHE C 273 -5.50 -8.20 4.11
N GLY C 274 -4.78 -8.97 3.30
CA GLY C 274 -3.45 -8.60 2.82
C GLY C 274 -2.32 -9.40 3.43
N GLY C 275 -2.50 -9.92 4.64
CA GLY C 275 -1.43 -10.59 5.34
C GLY C 275 -0.66 -9.64 6.23
N ASP C 276 0.32 -10.20 6.94
CA ASP C 276 1.09 -9.41 7.91
C ASP C 276 1.65 -8.17 7.25
N LEU C 277 1.70 -7.08 8.02
CA LEU C 277 2.14 -5.77 7.54
C LEU C 277 3.40 -5.37 8.28
N THR C 278 4.50 -5.26 7.54
CA THR C 278 5.74 -4.73 8.09
C THR C 278 5.73 -3.21 7.97
N VAL C 279 5.98 -2.53 9.08
CA VAL C 279 5.92 -1.07 9.17
C VAL C 279 7.28 -0.59 9.63
N ASN C 280 8.09 -0.09 8.69
CA ASN C 280 9.46 0.31 9.02
C ASN C 280 9.50 1.49 9.98
N SER C 281 8.49 2.35 9.96
CA SER C 281 8.51 3.57 10.75
C SER C 281 7.08 4.08 10.90
N TYR C 282 6.92 5.09 11.75
CA TYR C 282 5.62 5.74 11.88
C TYR C 282 5.21 6.41 10.58
N GLU C 283 6.19 7.01 9.88
CA GLU C 283 5.86 7.68 8.62
C GLU C 283 5.27 6.70 7.62
N GLU C 284 5.74 5.46 7.62
CA GLU C 284 5.10 4.44 6.77
C GLU C 284 3.71 4.11 7.29
N LEU C 285 3.56 4.04 8.62
CA LEU C 285 2.23 3.81 9.19
C LEU C 285 1.29 4.93 8.81
N GLU C 286 1.79 6.17 8.77
CA GLU C 286 0.98 7.30 8.35
C GLU C 286 0.54 7.13 6.90
N SER C 287 1.48 6.82 6.00
CA SER C 287 1.15 6.65 4.59
CA SER C 287 1.14 6.65 4.59
C SER C 287 0.13 5.53 4.40
N LEU C 288 0.31 4.40 5.09
CA LEU C 288 -0.61 3.28 4.96
C LEU C 288 -2.00 3.66 5.43
N PHE C 289 -2.09 4.28 6.61
CA PHE C 289 -3.40 4.64 7.17
C PHE C 289 -4.06 5.74 6.35
N LYS C 290 -3.30 6.77 5.99
CA LYS C 290 -3.85 7.85 5.18
C LYS C 290 -4.48 7.32 3.90
N ASN C 291 -3.83 6.35 3.26
CA ASN C 291 -4.33 5.75 2.03
C ASN C 291 -5.28 4.58 2.28
N LYS C 292 -5.68 4.33 3.52
CA LYS C 292 -6.65 3.28 3.84
C LYS C 292 -6.14 1.90 3.43
N GLU C 293 -4.84 1.67 3.55
CA GLU C 293 -4.29 0.34 3.43
C GLU C 293 -4.22 -0.38 4.77
N LEU C 294 -4.68 0.27 5.85
CA LEU C 294 -4.71 -0.35 7.17
C LEU C 294 -5.99 0.09 7.88
N HIS C 295 -6.84 -0.87 8.21
CA HIS C 295 -8.14 -0.57 8.79
C HIS C 295 -8.01 -0.12 10.25
N PRO C 296 -8.87 0.80 10.71
CA PRO C 296 -8.80 1.21 12.12
C PRO C 296 -8.76 0.05 13.12
N MET C 297 -9.52 -1.02 12.86
CA MET C 297 -9.50 -2.18 13.76
C MET C 297 -8.10 -2.72 13.93
N ARG C 298 -7.39 -2.95 12.82
CA ARG C 298 -6.06 -3.54 12.90
C ARG C 298 -5.09 -2.58 13.59
N LEU C 299 -5.24 -1.28 13.32
CA LEU C 299 -4.43 -0.27 14.01
C LEU C 299 -4.68 -0.30 15.51
N LYS C 300 -5.95 -0.27 15.91
CA LYS C 300 -6.28 -0.22 17.33
C LYS C 300 -5.78 -1.44 18.07
N ASN C 301 -6.00 -2.63 17.51
CA ASN C 301 -5.57 -3.86 18.18
C ASN C 301 -4.05 -3.88 18.34
N ALA C 302 -3.33 -3.53 17.28
CA ALA C 302 -1.87 -3.52 17.35
C ALA C 302 -1.38 -2.52 18.39
N VAL C 303 -1.96 -1.31 18.40
CA VAL C 303 -1.54 -0.29 19.36
C VAL C 303 -1.81 -0.76 20.79
N ALA C 304 -2.98 -1.36 21.02
CA ALA C 304 -3.31 -1.81 22.37
C ALA C 304 -2.33 -2.88 22.86
N GLU C 305 -1.98 -3.83 22.00
CA GLU C 305 -1.08 -4.91 22.41
C GLU C 305 0.35 -4.41 22.60
N GLU C 306 0.84 -3.56 21.71
CA GLU C 306 2.16 -2.96 21.91
C GLU C 306 2.18 -2.15 23.21
N LEU C 307 1.17 -1.30 23.40
CA LEU C 307 1.09 -0.48 24.60
C LEU C 307 1.07 -1.35 25.85
N ILE C 308 0.32 -2.46 25.82
CA ILE C 308 0.31 -3.39 26.96
C ILE C 308 1.71 -3.89 27.25
N LYS C 309 2.48 -4.22 26.21
CA LYS C 309 3.86 -4.65 26.37
C LYS C 309 4.81 -3.52 26.73
N ILE C 310 4.36 -2.27 26.66
CA ILE C 310 5.20 -1.13 27.00
C ILE C 310 4.98 -0.69 28.45
N LEU C 311 3.74 -0.71 28.90
CA LEU C 311 3.40 -0.29 30.25
C LEU C 311 3.50 -1.43 31.26
N GLU C 312 3.74 -2.65 30.78
CA GLU C 312 3.74 -3.81 31.67
C GLU C 312 4.84 -3.74 32.72
N PRO C 313 6.09 -3.44 32.38
CA PRO C 313 7.10 -3.28 33.45
C PRO C 313 6.74 -2.18 34.45
N ILE C 314 6.10 -1.10 33.99
CA ILE C 314 5.63 -0.07 34.90
C ILE C 314 4.53 -0.63 35.79
N ARG C 315 3.62 -1.40 35.20
CA ARG C 315 2.49 -1.95 35.95
C ARG C 315 2.95 -2.87 37.07
N LYS C 316 3.98 -3.69 36.82
CA LYS C 316 4.44 -4.63 37.85
C LYS C 316 4.99 -3.90 39.06
N ARG C 317 5.87 -2.93 38.85
CA ARG C 317 6.55 -2.26 39.96
C ARG C 317 5.62 -1.39 40.81
N LEU C 318 4.31 -1.53 40.67
CA LEU C 318 3.36 -0.75 41.45
C LEU C 318 2.35 -1.65 42.15
N ASP D 14 1.85 -19.65 -48.71
CA ASP D 14 0.45 -19.74 -49.13
C ASP D 14 -0.46 -19.67 -47.91
N GLU D 15 -1.67 -20.24 -48.04
CA GLU D 15 -2.67 -20.13 -46.97
C GLU D 15 -2.25 -20.92 -45.73
N PHE D 16 -1.78 -22.15 -45.91
CA PHE D 16 -1.40 -22.97 -44.77
C PHE D 16 -0.31 -22.28 -43.95
N GLU D 17 0.68 -21.68 -44.64
CA GLU D 17 1.72 -20.96 -43.92
C GLU D 17 1.14 -19.80 -43.13
N MET D 18 0.22 -19.05 -43.73
CA MET D 18 -0.37 -17.89 -43.07
C MET D 18 -1.16 -18.31 -41.83
N ILE D 19 -1.92 -19.40 -41.92
CA ILE D 19 -2.67 -19.88 -40.79
C ILE D 19 -1.75 -20.41 -39.70
N LYS D 20 -0.73 -21.18 -40.09
CA LYS D 20 0.18 -21.78 -39.13
C LYS D 20 1.12 -20.77 -38.48
N ARG D 21 1.37 -19.64 -39.12
CA ARG D 21 2.34 -18.68 -38.61
C ARG D 21 2.01 -18.26 -37.18
N ASN D 22 2.97 -18.45 -36.27
CA ASN D 22 2.89 -17.99 -34.89
C ASN D 22 1.85 -18.75 -34.07
N THR D 23 1.54 -19.99 -34.47
CA THR D 23 0.70 -20.87 -33.67
C THR D 23 1.57 -21.85 -32.88
N SER D 24 1.05 -22.24 -31.71
CA SER D 24 1.73 -23.24 -30.89
C SER D 24 1.50 -24.65 -31.41
N GLU D 25 0.33 -24.92 -31.99
CA GLU D 25 0.06 -26.24 -32.54
C GLU D 25 -1.22 -26.19 -33.36
N ILE D 26 -1.31 -27.12 -34.32
CA ILE D 26 -2.51 -27.37 -35.09
C ILE D 26 -2.81 -28.86 -34.97
N ILE D 27 -4.01 -29.19 -34.51
CA ILE D 27 -4.40 -30.57 -34.30
C ILE D 27 -5.55 -30.92 -35.26
N SER D 28 -5.28 -31.52 -36.43
CA SER D 28 -3.95 -31.79 -36.97
C SER D 28 -3.72 -31.06 -38.28
N GLU D 29 -2.46 -30.96 -38.71
CA GLU D 29 -2.17 -30.32 -39.98
C GLU D 29 -2.81 -31.08 -41.14
N GLU D 30 -2.75 -32.41 -41.12
CA GLU D 30 -3.38 -33.21 -42.16
C GLU D 30 -4.85 -32.86 -42.28
N GLU D 31 -5.58 -32.88 -41.16
CA GLU D 31 -6.99 -32.52 -41.19
C GLU D 31 -7.17 -31.09 -41.66
N LEU D 32 -6.33 -30.17 -41.18
CA LEU D 32 -6.40 -28.78 -41.64
C LEU D 32 -6.18 -28.71 -43.16
N ARG D 33 -5.21 -29.48 -43.66
CA ARG D 33 -4.97 -29.53 -45.10
C ARG D 33 -6.24 -29.89 -45.85
N GLU D 34 -7.05 -30.78 -45.29
CA GLU D 34 -8.24 -31.25 -45.98
C GLU D 34 -9.38 -30.25 -45.87
N VAL D 35 -9.50 -29.59 -44.71
CA VAL D 35 -10.54 -28.57 -44.53
C VAL D 35 -10.40 -27.47 -45.56
N LEU D 36 -9.16 -27.14 -45.95
CA LEU D 36 -8.93 -26.04 -46.89
C LEU D 36 -9.41 -26.35 -48.30
N LYS D 37 -9.64 -27.62 -48.64
CA LYS D 37 -10.18 -27.95 -49.96
C LYS D 37 -11.66 -27.62 -50.05
N LYS D 38 -12.35 -27.52 -48.92
CA LYS D 38 -13.77 -27.22 -48.92
C LYS D 38 -14.02 -25.78 -49.36
N ASP D 39 -15.14 -25.57 -50.04
CA ASP D 39 -15.50 -24.22 -50.45
C ASP D 39 -16.00 -23.40 -49.26
N GLU D 40 -16.96 -23.94 -48.51
CA GLU D 40 -17.51 -23.28 -47.34
C GLU D 40 -16.85 -23.90 -46.11
N LYS D 41 -16.02 -23.11 -45.43
CA LYS D 41 -15.36 -23.53 -44.20
C LYS D 41 -15.52 -22.44 -43.15
N SER D 42 -15.52 -22.84 -41.88
CA SER D 42 -15.81 -21.92 -40.80
C SER D 42 -14.92 -22.22 -39.60
N ALA D 43 -14.65 -21.18 -38.82
CA ALA D 43 -13.81 -21.26 -37.64
C ALA D 43 -14.39 -20.39 -36.54
N GLY D 44 -14.23 -20.80 -35.30
CA GLY D 44 -14.78 -20.08 -34.16
C GLY D 44 -13.78 -19.97 -33.04
N ILE D 45 -13.81 -18.82 -32.36
CA ILE D 45 -13.12 -18.63 -31.09
C ILE D 45 -14.11 -17.99 -30.13
N GLY D 46 -13.93 -18.26 -28.84
CA GLY D 46 -14.76 -17.67 -27.83
C GLY D 46 -13.94 -17.03 -26.74
N PHE D 47 -14.53 -16.00 -26.11
CA PHE D 47 -13.89 -15.24 -25.04
C PHE D 47 -14.87 -15.05 -23.90
N GLU D 48 -14.42 -15.36 -22.68
CA GLU D 48 -15.10 -14.83 -21.50
C GLU D 48 -14.97 -13.32 -21.52
N PRO D 49 -16.06 -12.56 -21.59
CA PRO D 49 -15.93 -11.10 -21.68
C PRO D 49 -15.00 -10.53 -20.62
N SER D 50 -14.14 -9.61 -21.05
CA SER D 50 -13.08 -9.04 -20.21
C SER D 50 -13.19 -7.52 -20.23
N GLY D 51 -12.98 -6.91 -19.07
CA GLY D 51 -13.10 -5.46 -18.97
C GLY D 51 -12.13 -4.72 -19.86
N LYS D 52 -10.86 -5.12 -19.81
CA LYS D 52 -9.83 -4.57 -20.70
C LYS D 52 -9.41 -5.66 -21.67
N ILE D 53 -9.45 -5.35 -22.97
CA ILE D 53 -9.01 -6.26 -24.02
C ILE D 53 -7.57 -5.92 -24.36
N HIS D 54 -6.67 -6.88 -24.15
CA HIS D 54 -5.23 -6.66 -24.24
C HIS D 54 -4.64 -7.45 -25.41
N LEU D 55 -3.31 -7.37 -25.53
CA LEU D 55 -2.62 -7.99 -26.65
C LEU D 55 -2.88 -9.49 -26.74
N GLY D 56 -3.02 -10.16 -25.59
CA GLY D 56 -3.41 -11.56 -25.61
C GLY D 56 -4.61 -11.81 -26.49
N HIS D 57 -5.66 -11.00 -26.34
CA HIS D 57 -6.81 -11.09 -27.22
C HIS D 57 -6.43 -10.73 -28.64
N TYR D 58 -5.61 -9.69 -28.81
CA TYR D 58 -5.27 -9.22 -30.14
C TYR D 58 -4.53 -10.29 -30.92
N LEU D 59 -3.62 -11.00 -30.26
CA LEU D 59 -2.91 -12.11 -30.89
C LEU D 59 -3.89 -13.12 -31.47
N GLN D 60 -4.93 -13.47 -30.70
CA GLN D 60 -5.88 -14.48 -31.15
C GLN D 60 -6.76 -13.94 -32.28
N ILE D 61 -7.20 -12.70 -32.17
CA ILE D 61 -8.04 -12.12 -33.22
C ILE D 61 -7.27 -12.03 -34.54
N LYS D 62 -5.98 -11.68 -34.48
CA LYS D 62 -5.17 -11.68 -35.70
C LYS D 62 -5.19 -13.05 -36.36
N LYS D 63 -5.14 -14.12 -35.56
CA LYS D 63 -5.19 -15.46 -36.13
C LYS D 63 -6.55 -15.71 -36.78
N MET D 64 -7.61 -15.16 -36.20
CA MET D 64 -8.92 -15.26 -36.84
C MET D 64 -8.93 -14.49 -38.16
N ILE D 65 -8.21 -13.37 -38.23
CA ILE D 65 -8.11 -12.64 -39.49
C ILE D 65 -7.32 -13.46 -40.51
N ASP D 66 -6.28 -14.16 -40.06
CA ASP D 66 -5.56 -15.05 -40.97
C ASP D 66 -6.46 -16.13 -41.54
N LEU D 67 -7.31 -16.72 -40.70
CA LEU D 67 -8.23 -17.75 -41.18
C LEU D 67 -9.27 -17.13 -42.11
N GLN D 68 -9.76 -15.94 -41.79
CA GLN D 68 -10.70 -15.25 -42.68
C GLN D 68 -10.09 -15.04 -44.06
N ASN D 69 -8.84 -14.55 -44.11
CA ASN D 69 -8.18 -14.32 -45.38
C ASN D 69 -7.92 -15.61 -46.13
N ALA D 70 -7.98 -16.76 -45.46
CA ALA D 70 -7.85 -18.06 -46.11
C ALA D 70 -9.21 -18.65 -46.48
N GLY D 71 -10.26 -17.85 -46.48
CA GLY D 71 -11.57 -18.27 -46.91
C GLY D 71 -12.47 -18.84 -45.83
N PHE D 72 -12.12 -18.68 -44.56
CA PHE D 72 -12.95 -19.15 -43.47
C PHE D 72 -13.99 -18.11 -43.10
N ASP D 73 -15.23 -18.55 -42.87
CA ASP D 73 -16.20 -17.73 -42.17
C ASP D 73 -15.90 -17.78 -40.67
N ILE D 74 -15.94 -16.63 -40.02
CA ILE D 74 -15.47 -16.48 -38.65
C ILE D 74 -16.65 -16.25 -37.73
N ILE D 75 -16.69 -17.01 -36.63
CA ILE D 75 -17.67 -16.83 -35.57
C ILE D 75 -16.92 -16.44 -34.30
N ILE D 76 -17.37 -15.38 -33.64
CA ILE D 76 -16.86 -15.00 -32.33
C ILE D 76 -17.95 -15.31 -31.31
N TRP D 77 -17.64 -16.18 -30.36
CA TRP D 77 -18.58 -16.61 -29.34
C TRP D 77 -18.28 -15.85 -28.05
N LEU D 78 -19.16 -14.93 -27.69
CA LEU D 78 -19.01 -14.15 -26.45
C LEU D 78 -19.66 -14.95 -25.34
N ALA D 79 -18.83 -15.59 -24.51
CA ALA D 79 -19.29 -16.59 -23.53
C ALA D 79 -19.64 -15.91 -22.19
N ASP D 80 -20.78 -15.22 -22.18
CA ASP D 80 -21.22 -14.58 -20.94
C ASP D 80 -21.62 -15.61 -19.90
N LEU D 81 -22.37 -16.64 -20.31
CA LEU D 81 -22.74 -17.70 -19.38
C LEU D 81 -21.52 -18.53 -18.96
N GLY D 82 -20.59 -18.76 -19.89
CA GLY D 82 -19.36 -19.43 -19.51
C GLY D 82 -18.60 -18.67 -18.44
N ALA D 83 -18.45 -17.35 -18.62
CA ALA D 83 -17.82 -16.52 -17.60
C ALA D 83 -18.62 -16.54 -16.31
N TYR D 84 -19.96 -16.63 -16.41
CA TYR D 84 -20.79 -16.71 -15.22
C TYR D 84 -20.50 -17.99 -14.45
N LEU D 85 -20.45 -19.14 -15.15
CA LEU D 85 -20.08 -20.39 -14.51
C LEU D 85 -18.66 -20.37 -13.98
N ASN D 86 -17.82 -19.44 -14.45
CA ASN D 86 -16.43 -19.34 -14.00
C ASN D 86 -16.22 -18.17 -13.03
N GLN D 87 -17.28 -17.76 -12.33
CA GLN D 87 -17.18 -16.88 -11.16
C GLN D 87 -16.55 -15.54 -11.50
N LYS D 88 -16.93 -14.96 -12.64
CA LYS D 88 -16.45 -13.64 -13.05
C LYS D 88 -17.51 -12.55 -12.87
N GLY D 89 -18.59 -12.83 -12.16
CA GLY D 89 -19.59 -11.82 -11.85
C GLY D 89 -20.98 -12.21 -12.32
N GLU D 90 -21.91 -11.28 -12.16
CA GLU D 90 -23.31 -11.54 -12.43
C GLU D 90 -23.59 -11.49 -13.93
N LEU D 91 -24.52 -12.34 -14.36
CA LEU D 91 -24.76 -12.53 -15.79
C LEU D 91 -25.15 -11.23 -16.47
N ASP D 92 -25.94 -10.39 -15.80
CA ASP D 92 -26.42 -9.17 -16.44
C ASP D 92 -25.27 -8.22 -16.77
N GLU D 93 -24.23 -8.19 -15.93
CA GLU D 93 -23.11 -7.30 -16.18
C GLU D 93 -22.10 -7.92 -17.15
N ILE D 94 -21.93 -9.23 -17.12
CA ILE D 94 -21.02 -9.89 -18.05
C ILE D 94 -21.51 -9.69 -19.49
N ARG D 95 -22.80 -9.90 -19.72
CA ARG D 95 -23.35 -9.75 -21.07
C ARG D 95 -23.08 -8.35 -21.61
N LYS D 96 -23.13 -7.33 -20.75
CA LYS D 96 -22.86 -5.97 -21.19
C LYS D 96 -21.39 -5.78 -21.56
N ILE D 97 -20.47 -6.36 -20.80
CA ILE D 97 -19.06 -6.25 -21.14
C ILE D 97 -18.80 -6.90 -22.49
N GLY D 98 -19.49 -7.99 -22.78
CA GLY D 98 -19.35 -8.62 -24.08
C GLY D 98 -19.70 -7.68 -25.21
N ASP D 99 -20.68 -6.80 -25.00
CA ASP D 99 -21.00 -5.77 -26.00
C ASP D 99 -19.80 -4.89 -26.27
N TYR D 100 -19.11 -4.46 -25.23
CA TYR D 100 -17.90 -3.66 -25.40
C TYR D 100 -16.84 -4.43 -26.17
N ASN D 101 -16.68 -5.72 -25.88
CA ASN D 101 -15.69 -6.53 -26.59
C ASN D 101 -16.00 -6.60 -28.08
N LYS D 102 -17.28 -6.71 -28.45
CA LYS D 102 -17.62 -6.72 -29.87
C LYS D 102 -17.16 -5.44 -30.53
N LYS D 103 -17.28 -4.30 -29.83
CA LYS D 103 -16.79 -3.05 -30.39
C LYS D 103 -15.31 -3.17 -30.71
N VAL D 104 -14.51 -3.64 -29.74
CA VAL D 104 -13.07 -3.69 -29.88
C VAL D 104 -12.67 -4.62 -31.02
N PHE D 105 -13.30 -5.79 -31.11
CA PHE D 105 -12.91 -6.76 -32.12
C PHE D 105 -13.14 -6.21 -33.52
N GLU D 106 -14.21 -5.43 -33.70
CA GLU D 106 -14.41 -4.75 -34.97
C GLU D 106 -13.34 -3.69 -35.20
N ALA D 107 -12.93 -2.99 -34.13
CA ALA D 107 -11.87 -1.99 -34.26
C ALA D 107 -10.56 -2.63 -34.70
N MET D 108 -10.37 -3.92 -34.37
CA MET D 108 -9.21 -4.64 -34.87
C MET D 108 -9.33 -5.02 -36.34
N GLY D 109 -10.46 -4.74 -36.98
CA GLY D 109 -10.61 -5.05 -38.39
C GLY D 109 -11.11 -6.44 -38.71
N LEU D 110 -11.80 -7.09 -37.77
CA LEU D 110 -12.36 -8.41 -38.02
C LEU D 110 -13.82 -8.31 -38.45
N LYS D 111 -14.17 -9.08 -39.48
CA LYS D 111 -15.53 -9.17 -39.99
C LYS D 111 -16.02 -10.59 -39.69
N ALA D 112 -16.84 -10.74 -38.65
CA ALA D 112 -17.22 -12.06 -38.20
C ALA D 112 -18.66 -12.05 -37.69
N LYS D 113 -19.21 -13.26 -37.54
CA LYS D 113 -20.50 -13.47 -36.91
C LYS D 113 -20.33 -13.43 -35.41
N TYR D 114 -20.90 -12.41 -34.77
CA TYR D 114 -20.82 -12.27 -33.31
C TYR D 114 -22.11 -12.82 -32.71
N VAL D 115 -21.98 -13.86 -31.88
CA VAL D 115 -23.12 -14.52 -31.24
C VAL D 115 -22.90 -14.44 -29.74
N TYR D 116 -23.97 -14.14 -29.01
CA TYR D 116 -23.93 -14.11 -27.56
C TYR D 116 -24.34 -15.47 -27.00
N GLY D 117 -23.52 -16.00 -26.09
CA GLY D 117 -23.78 -17.32 -25.55
C GLY D 117 -25.17 -17.47 -24.97
N SER D 118 -25.54 -16.57 -24.06
CA SER D 118 -26.82 -16.69 -23.38
C SER D 118 -27.98 -16.70 -24.36
N GLU D 119 -27.83 -16.01 -25.50
CA GLU D 119 -28.86 -16.02 -26.52
C GLU D 119 -28.94 -17.36 -27.25
N HIS D 120 -27.96 -18.25 -27.03
CA HIS D 120 -27.97 -19.58 -27.61
C HIS D 120 -27.79 -20.69 -26.59
N ASN D 121 -27.19 -20.42 -25.43
CA ASN D 121 -26.84 -21.46 -24.46
C ASN D 121 -28.02 -21.95 -23.64
N LEU D 122 -29.20 -21.34 -23.77
CA LEU D 122 -30.32 -21.67 -22.90
C LEU D 122 -31.51 -22.24 -23.65
N ASP D 123 -31.43 -22.37 -24.97
CA ASP D 123 -32.52 -22.99 -25.73
C ASP D 123 -32.67 -24.46 -25.36
N LYS D 124 -33.88 -24.98 -25.55
CA LYS D 124 -34.20 -26.34 -25.11
C LYS D 124 -33.27 -27.37 -25.76
N ASP D 125 -33.07 -27.27 -27.07
CA ASP D 125 -32.30 -28.30 -27.77
C ASP D 125 -30.81 -28.18 -27.47
N TYR D 126 -30.30 -26.97 -27.29
CA TYR D 126 -28.92 -26.80 -26.87
C TYR D 126 -28.70 -27.43 -25.49
N THR D 127 -29.59 -27.11 -24.55
CA THR D 127 -29.46 -27.66 -23.20
C THR D 127 -29.52 -29.18 -23.23
N LEU D 128 -30.40 -29.75 -24.07
CA LEU D 128 -30.54 -31.20 -24.10
C LEU D 128 -29.23 -31.85 -24.56
N ASN D 129 -28.52 -31.22 -25.50
CA ASN D 129 -27.23 -31.74 -25.94
C ASN D 129 -26.16 -31.59 -24.86
N VAL D 130 -26.23 -30.52 -24.07
CA VAL D 130 -25.32 -30.39 -22.92
C VAL D 130 -25.48 -31.58 -22.00
N TYR D 131 -26.71 -32.02 -21.79
CA TYR D 131 -26.95 -33.16 -20.90
C TYR D 131 -26.58 -34.47 -21.58
N ARG D 132 -26.73 -34.56 -22.91
CA ARG D 132 -26.21 -35.71 -23.64
C ARG D 132 -24.71 -35.85 -23.45
N LEU D 133 -23.98 -34.73 -23.59
CA LEU D 133 -22.53 -34.79 -23.42
C LEU D 133 -22.15 -35.11 -21.98
N ALA D 134 -22.94 -34.62 -21.01
CA ALA D 134 -22.67 -34.94 -19.61
C ALA D 134 -22.83 -36.43 -19.33
N LEU D 135 -23.72 -37.10 -20.06
CA LEU D 135 -23.86 -38.55 -19.94
C LEU D 135 -22.61 -39.27 -20.46
N LYS D 136 -21.92 -38.67 -21.42
CA LYS D 136 -20.75 -39.28 -22.07
C LYS D 136 -19.42 -38.83 -21.47
N THR D 137 -19.44 -37.86 -20.56
CA THR D 137 -18.23 -37.24 -20.02
C THR D 137 -18.06 -37.66 -18.56
N THR D 138 -16.92 -38.29 -18.26
CA THR D 138 -16.60 -38.65 -16.89
C THR D 138 -16.26 -37.40 -16.09
N LEU D 139 -16.47 -37.48 -14.76
CA LEU D 139 -16.07 -36.39 -13.90
C LEU D 139 -14.57 -36.19 -13.92
N LYS D 140 -13.80 -37.28 -13.88
CA LYS D 140 -12.34 -37.18 -13.94
C LYS D 140 -11.91 -36.35 -15.14
N ARG D 141 -12.44 -36.67 -16.33
CA ARG D 141 -12.01 -35.97 -17.54
C ARG D 141 -12.43 -34.51 -17.53
N ALA D 142 -13.67 -34.23 -17.14
CA ALA D 142 -14.13 -32.84 -17.09
C ALA D 142 -13.32 -32.03 -16.10
N ARG D 143 -13.01 -32.61 -14.94
CA ARG D 143 -12.21 -31.91 -13.94
C ARG D 143 -10.83 -31.56 -14.47
N ARG D 144 -10.13 -32.54 -15.03
CA ARG D 144 -8.75 -32.30 -15.44
C ARG D 144 -8.66 -31.45 -16.70
N SER D 145 -9.70 -31.42 -17.53
CA SER D 145 -9.71 -30.52 -18.68
C SER D 145 -9.79 -29.06 -18.26
N MET D 146 -10.12 -28.78 -17.00
CA MET D 146 -10.27 -27.43 -16.49
C MET D 146 -9.10 -26.98 -15.63
N GLU D 147 -8.02 -27.76 -15.56
CA GLU D 147 -6.91 -27.43 -14.67
C GLU D 147 -6.37 -26.02 -14.91
N LEU D 148 -6.23 -25.61 -16.17
CA LEU D 148 -5.65 -24.32 -16.49
C LEU D 148 -6.70 -23.23 -16.70
N ILE D 149 -7.99 -23.57 -16.58
CA ILE D 149 -9.07 -22.64 -16.87
C ILE D 149 -9.82 -22.23 -15.62
N ALA D 150 -10.06 -23.16 -14.69
CA ALA D 150 -10.88 -22.88 -13.54
C ALA D 150 -10.18 -21.90 -12.60
N ARG D 151 -10.83 -20.77 -12.32
CA ARG D 151 -10.32 -19.86 -11.30
C ARG D 151 -10.18 -20.59 -9.98
N GLU D 152 -9.23 -20.15 -9.17
CA GLU D 152 -8.89 -20.87 -7.95
C GLU D 152 -10.07 -20.88 -6.99
N ASP D 153 -10.34 -22.06 -6.42
CA ASP D 153 -11.51 -22.29 -5.57
C ASP D 153 -11.19 -23.43 -4.63
N GLU D 154 -11.34 -23.19 -3.32
CA GLU D 154 -11.03 -24.20 -2.33
C GLU D 154 -12.10 -25.29 -2.24
N ASN D 155 -13.34 -24.99 -2.63
CA ASN D 155 -14.43 -25.95 -2.67
C ASN D 155 -14.97 -26.00 -4.09
N PRO D 156 -14.36 -26.78 -4.98
CA PRO D 156 -14.75 -26.73 -6.39
C PRO D 156 -16.23 -27.02 -6.59
N LYS D 157 -16.86 -26.19 -7.41
CA LYS D 157 -18.31 -26.24 -7.60
C LYS D 157 -18.67 -27.10 -8.81
N VAL D 158 -19.93 -27.53 -8.84
CA VAL D 158 -20.43 -28.30 -9.98
C VAL D 158 -20.29 -27.52 -11.28
N ALA D 159 -20.38 -26.18 -11.21
CA ALA D 159 -20.22 -25.36 -12.39
C ALA D 159 -18.89 -25.61 -13.10
N GLU D 160 -17.89 -26.12 -12.38
CA GLU D 160 -16.59 -26.35 -12.99
C GLU D 160 -16.63 -27.45 -14.04
N VAL D 161 -17.49 -28.45 -13.87
CA VAL D 161 -17.58 -29.56 -14.82
C VAL D 161 -18.70 -29.35 -15.84
N ILE D 162 -19.56 -28.35 -15.66
CA ILE D 162 -20.53 -28.01 -16.69
C ILE D 162 -19.87 -27.13 -17.77
N TYR D 163 -18.96 -26.28 -17.36
CA TYR D 163 -18.26 -25.32 -18.20
C TYR D 163 -17.66 -25.99 -19.43
N PRO D 164 -16.80 -27.00 -19.26
CA PRO D 164 -16.17 -27.61 -20.45
C PRO D 164 -17.18 -28.24 -21.39
N ILE D 165 -18.25 -28.82 -20.85
CA ILE D 165 -19.27 -29.44 -21.69
C ILE D 165 -19.99 -28.38 -22.52
N MET D 166 -20.22 -27.19 -21.95
CA MET D 166 -20.84 -26.13 -22.71
C MET D 166 -19.94 -25.67 -23.86
N GLN D 167 -18.63 -25.61 -23.61
CA GLN D 167 -17.70 -25.22 -24.67
C GLN D 167 -17.60 -26.30 -25.74
N VAL D 168 -17.63 -27.57 -25.34
CA VAL D 168 -17.65 -28.66 -26.31
C VAL D 168 -18.88 -28.55 -27.20
N ASN D 169 -20.04 -28.23 -26.61
CA ASN D 169 -21.27 -28.17 -27.38
C ASN D 169 -21.35 -26.93 -28.25
N ALA D 170 -20.73 -25.83 -27.83
CA ALA D 170 -20.70 -24.63 -28.66
C ALA D 170 -19.98 -24.89 -29.97
N ILE D 171 -18.86 -25.62 -29.92
CA ILE D 171 -18.18 -26.02 -31.14
C ILE D 171 -19.11 -26.81 -32.05
N HIS D 172 -19.77 -27.81 -31.50
CA HIS D 172 -20.75 -28.59 -32.27
C HIS D 172 -21.87 -27.70 -32.77
N TYR D 173 -22.41 -26.86 -31.89
CA TYR D 173 -23.51 -25.99 -32.27
C TYR D 173 -23.13 -25.04 -33.40
N ASN D 174 -21.91 -24.50 -33.36
CA ASN D 174 -21.47 -23.56 -34.40
C ASN D 174 -21.22 -24.26 -35.73
N GLY D 175 -21.03 -25.57 -35.72
CA GLY D 175 -20.78 -26.29 -36.96
C GLY D 175 -19.46 -25.97 -37.61
N VAL D 176 -18.48 -25.52 -36.85
CA VAL D 176 -17.22 -25.03 -37.40
C VAL D 176 -16.30 -26.19 -37.71
N ASP D 177 -15.46 -25.98 -38.75
CA ASP D 177 -14.41 -26.93 -39.06
C ASP D 177 -13.19 -26.74 -38.18
N VAL D 178 -12.95 -25.50 -37.73
CA VAL D 178 -11.75 -25.16 -36.97
C VAL D 178 -12.16 -24.48 -35.66
N ALA D 179 -11.51 -24.85 -34.58
CA ALA D 179 -11.66 -24.19 -33.29
C ALA D 179 -10.33 -23.56 -32.90
N VAL D 180 -10.36 -22.27 -32.56
CA VAL D 180 -9.15 -21.53 -32.21
C VAL D 180 -9.20 -21.15 -30.73
N GLY D 181 -8.04 -21.13 -30.11
CA GLY D 181 -7.93 -20.70 -28.72
C GLY D 181 -6.47 -20.66 -28.29
N GLY D 182 -6.27 -20.26 -27.04
CA GLY D 182 -4.97 -20.36 -26.42
C GLY D 182 -4.65 -21.79 -26.02
N MET D 183 -3.36 -22.02 -25.72
CA MET D 183 -2.93 -23.36 -25.33
C MET D 183 -3.67 -23.85 -24.09
N GLU D 184 -4.13 -22.95 -23.23
CA GLU D 184 -4.90 -23.38 -22.06
C GLU D 184 -6.18 -24.11 -22.47
N GLN D 185 -6.63 -23.92 -23.72
CA GLN D 185 -7.82 -24.58 -24.23
C GLN D 185 -7.55 -25.99 -24.74
N ARG D 186 -6.33 -26.50 -24.59
CA ARG D 186 -5.95 -27.75 -25.25
C ARG D 186 -6.86 -28.89 -24.82
N LYS D 187 -7.08 -29.04 -23.52
CA LYS D 187 -7.71 -30.26 -23.01
C LYS D 187 -9.21 -30.28 -23.32
N ILE D 188 -9.87 -29.13 -23.24
CA ILE D 188 -11.28 -29.06 -23.63
C ILE D 188 -11.42 -29.37 -25.12
N HIS D 189 -10.54 -28.80 -25.94
CA HIS D 189 -10.64 -29.01 -27.39
C HIS D 189 -10.36 -30.46 -27.75
N MET D 190 -9.43 -31.13 -27.04
CA MET D 190 -9.27 -32.57 -27.24
C MET D 190 -10.48 -33.35 -26.77
N LEU D 191 -11.18 -32.86 -25.73
CA LEU D 191 -12.45 -33.49 -25.37
C LEU D 191 -13.44 -33.40 -26.53
N ALA D 192 -13.53 -32.23 -27.16
CA ALA D 192 -14.48 -32.05 -28.26
C ALA D 192 -14.17 -32.96 -29.43
N ARG D 193 -12.88 -33.25 -29.69
CA ARG D 193 -12.54 -34.15 -30.78
C ARG D 193 -12.97 -35.58 -30.47
N GLU D 194 -12.97 -35.96 -29.19
CA GLU D 194 -13.42 -37.29 -28.79
C GLU D 194 -14.94 -37.39 -28.75
N LEU D 195 -15.63 -36.37 -28.23
CA LEU D 195 -17.05 -36.49 -27.94
C LEU D 195 -17.93 -36.19 -29.15
N LEU D 196 -17.49 -35.33 -30.06
CA LEU D 196 -18.37 -34.92 -31.13
C LEU D 196 -18.23 -35.85 -32.34
N PRO D 197 -19.31 -36.02 -33.11
CA PRO D 197 -19.25 -36.97 -34.24
C PRO D 197 -18.22 -36.60 -35.29
N LYS D 198 -18.05 -35.32 -35.59
CA LYS D 198 -17.13 -34.87 -36.63
C LYS D 198 -15.89 -34.26 -35.98
N LYS D 199 -14.72 -34.71 -36.42
CA LYS D 199 -13.46 -34.24 -35.86
C LYS D 199 -13.26 -32.76 -36.18
N VAL D 200 -12.99 -31.96 -35.15
CA VAL D 200 -12.79 -30.53 -35.31
C VAL D 200 -11.28 -30.25 -35.26
N VAL D 201 -10.82 -29.41 -36.19
CA VAL D 201 -9.41 -29.02 -36.23
C VAL D 201 -9.17 -27.92 -35.21
N CYS D 202 -8.14 -28.10 -34.39
CA CYS D 202 -7.86 -27.20 -33.27
C CYS D 202 -6.57 -26.43 -33.55
N ILE D 203 -6.67 -25.11 -33.54
CA ILE D 203 -5.52 -24.23 -33.69
C ILE D 203 -5.31 -23.52 -32.36
N HIS D 204 -4.16 -23.72 -31.75
CA HIS D 204 -3.85 -23.15 -30.44
C HIS D 204 -2.72 -22.15 -30.57
N ASN D 205 -2.94 -20.95 -30.01
CA ASN D 205 -1.95 -19.88 -30.04
C ASN D 205 -1.16 -19.85 -28.74
N PRO D 206 0.05 -19.27 -28.76
CA PRO D 206 0.87 -19.25 -27.54
C PRO D 206 0.32 -18.30 -26.48
N VAL D 207 0.77 -18.52 -25.26
CA VAL D 207 0.38 -17.71 -24.11
C VAL D 207 1.37 -16.55 -23.97
N LEU D 208 0.86 -15.32 -24.03
CA LEU D 208 1.72 -14.14 -23.84
C LEU D 208 2.16 -14.02 -22.40
N THR D 209 3.40 -13.60 -22.20
CA THR D 209 3.91 -13.28 -20.87
C THR D 209 3.50 -11.87 -20.45
N GLY D 210 3.11 -11.73 -19.19
CA GLY D 210 2.80 -10.42 -18.65
C GLY D 210 4.03 -9.54 -18.53
N LEU D 211 3.74 -8.25 -18.57
CA LEU D 211 4.79 -7.22 -18.49
C LEU D 211 5.77 -7.46 -17.28
N ASP D 212 5.27 -7.97 -16.14
CA ASP D 212 6.15 -8.41 -14.99
C ASP D 212 7.00 -9.70 -15.32
N GLY D 213 6.87 -10.36 -16.45
CA GLY D 213 7.63 -11.53 -16.76
C GLY D 213 7.41 -12.65 -15.72
N GLU D 214 6.25 -12.60 -15.11
CA GLU D 214 5.96 -13.52 -14.03
C GLU D 214 4.59 -14.22 -14.14
N GLY D 215 4.22 -14.74 -15.32
CA GLY D 215 2.95 -15.42 -15.59
C GLY D 215 2.13 -14.85 -16.76
N LYS D 216 0.96 -15.41 -17.13
CA LYS D 216 0.20 -14.95 -18.33
C LYS D 216 -0.38 -13.52 -18.26
N MET D 217 -0.87 -12.94 -19.38
CA MET D 217 -1.45 -11.56 -19.48
C MET D 217 -2.92 -11.53 -18.98
N SER D 218 -3.29 -11.99 -17.77
CA SER D 218 -4.72 -11.93 -17.36
C SER D 218 -5.01 -10.41 -17.29
N SER D 219 -6.07 -9.86 -17.90
CA SER D 219 -6.34 -8.40 -17.80
C SER D 219 -6.36 -7.97 -16.28
N SER D 220 -7.07 -8.73 -15.40
CA SER D 220 -7.13 -8.43 -13.92
C SER D 220 -5.90 -8.88 -13.07
N LYS D 221 -4.64 -8.53 -13.44
CA LYS D 221 -3.38 -8.77 -12.66
C LYS D 221 -2.29 -7.63 -12.73
N GLY D 222 -2.68 -6.44 -13.19
CA GLY D 222 -1.76 -5.32 -13.32
C GLY D 222 -0.49 -5.73 -14.08
N ASN D 223 -0.70 -6.36 -15.23
CA ASN D 223 0.43 -6.87 -16.09
C ASN D 223 0.13 -7.05 -17.61
N PHE D 224 -0.65 -6.14 -18.21
CA PHE D 224 -1.10 -6.18 -19.64
C PHE D 224 -1.07 -4.81 -20.39
N ILE D 225 -1.08 -4.78 -21.75
CA ILE D 225 -1.19 -3.57 -22.59
C ILE D 225 -2.55 -3.60 -23.21
N ALA D 226 -3.48 -2.87 -22.65
CA ALA D 226 -4.79 -2.80 -23.28
C ALA D 226 -4.70 -2.07 -24.61
N VAL D 227 -5.48 -2.55 -25.59
CA VAL D 227 -5.50 -1.92 -26.90
C VAL D 227 -6.11 -0.54 -26.85
N ASP D 228 -6.72 -0.17 -25.71
CA ASP D 228 -7.25 1.16 -25.50
C ASP D 228 -6.38 2.00 -24.57
N ASP D 229 -5.23 1.48 -24.15
CA ASP D 229 -4.28 2.28 -23.39
C ASP D 229 -3.82 3.49 -24.21
N SER D 230 -3.59 4.60 -23.52
CA SER D 230 -3.11 5.80 -24.18
C SER D 230 -1.63 5.64 -24.52
N PRO D 231 -1.15 6.40 -25.52
CA PRO D 231 0.30 6.34 -25.83
C PRO D 231 1.19 6.51 -24.62
N GLU D 232 0.94 7.53 -23.79
CA GLU D 232 1.75 7.74 -22.60
C GLU D 232 1.65 6.55 -21.64
N GLU D 233 0.52 5.84 -21.65
CA GLU D 233 0.38 4.69 -20.77
C GLU D 233 1.10 3.47 -21.33
N ILE D 234 1.07 3.28 -22.65
CA ILE D 234 1.81 2.18 -23.26
C ILE D 234 3.30 2.35 -22.99
N ARG D 235 3.82 3.55 -23.24
CA ARG D 235 5.22 3.83 -22.93
C ARG D 235 5.50 3.56 -21.46
N ALA D 236 4.67 4.12 -20.58
CA ALA D 236 4.86 3.93 -19.14
C ALA D 236 4.82 2.45 -18.77
N LYS D 237 3.80 1.73 -19.26
CA LYS D 237 3.69 0.31 -18.95
C LYS D 237 4.90 -0.47 -19.45
N ILE D 238 5.38 -0.14 -20.65
CA ILE D 238 6.52 -0.88 -21.21
C ILE D 238 7.82 -0.43 -20.55
N LYS D 239 7.95 0.86 -20.23
CA LYS D 239 9.21 1.38 -19.73
C LYS D 239 9.62 0.77 -18.40
N LYS D 240 8.73 0.03 -17.72
CA LYS D 240 9.11 -0.68 -16.51
C LYS D 240 8.77 -2.16 -16.59
N ALA D 241 8.51 -2.67 -17.78
CA ALA D 241 8.19 -4.09 -17.92
C ALA D 241 9.45 -4.92 -17.72
N TYR D 242 9.22 -6.19 -17.39
CA TYR D 242 10.34 -7.12 -17.26
C TYR D 242 11.00 -7.28 -18.63
N CYS D 243 12.30 -7.02 -18.69
CA CYS D 243 13.02 -7.07 -19.95
C CYS D 243 14.51 -7.11 -19.68
N PRO D 244 15.03 -8.21 -19.12
CA PRO D 244 16.45 -8.27 -18.80
C PRO D 244 17.31 -8.39 -20.04
N ALA D 245 18.48 -7.77 -19.98
CA ALA D 245 19.43 -7.83 -21.09
C ALA D 245 19.77 -9.27 -21.44
N GLY D 246 19.80 -9.57 -22.73
CA GLY D 246 20.15 -10.89 -23.22
C GLY D 246 19.10 -11.96 -22.98
N VAL D 247 17.95 -11.62 -22.42
CA VAL D 247 16.92 -12.59 -22.06
C VAL D 247 15.77 -12.48 -23.04
N VAL D 248 15.52 -13.57 -23.77
CA VAL D 248 14.42 -13.63 -24.73
C VAL D 248 13.24 -14.39 -24.15
N GLU D 249 13.39 -15.69 -23.94
CA GLU D 249 12.28 -16.51 -23.45
C GLU D 249 11.74 -15.91 -22.16
N GLY D 250 10.42 -15.74 -22.12
CA GLY D 250 9.77 -15.11 -20.98
C GLY D 250 9.88 -13.61 -20.96
N ASN D 251 10.35 -12.99 -22.04
CA ASN D 251 10.53 -11.55 -22.08
C ASN D 251 9.31 -10.94 -22.77
N PRO D 252 8.41 -10.28 -22.04
CA PRO D 252 7.19 -9.77 -22.68
C PRO D 252 7.45 -8.80 -23.82
N ILE D 253 8.54 -8.03 -23.74
CA ILE D 253 8.82 -7.05 -24.79
C ILE D 253 9.28 -7.74 -26.07
N MET D 254 10.06 -8.82 -25.93
CA MET D 254 10.47 -9.58 -27.10
C MET D 254 9.28 -10.33 -27.71
N GLU D 255 8.35 -10.78 -26.88
CA GLU D 255 7.14 -11.43 -27.40
C GLU D 255 6.33 -10.45 -28.25
N ILE D 256 6.23 -9.20 -27.80
CA ILE D 256 5.50 -8.20 -28.57
C ILE D 256 6.19 -7.96 -29.90
N ALA D 257 7.53 -7.96 -29.91
CA ALA D 257 8.27 -7.77 -31.16
C ALA D 257 8.03 -8.94 -32.11
N LYS D 258 7.92 -10.16 -31.58
CA LYS D 258 7.76 -11.32 -32.43
C LYS D 258 6.37 -11.38 -33.05
N TYR D 259 5.34 -11.01 -32.28
CA TYR D 259 3.97 -11.31 -32.63
C TYR D 259 3.17 -10.12 -33.18
N PHE D 260 3.67 -8.89 -33.02
CA PHE D 260 2.91 -7.71 -33.44
C PHE D 260 3.67 -6.74 -34.32
N LEU D 261 5.01 -6.77 -34.35
CA LEU D 261 5.77 -5.79 -35.10
C LEU D 261 6.03 -6.25 -36.53
N GLU D 262 6.16 -5.28 -37.42
CA GLU D 262 6.44 -5.50 -38.83
C GLU D 262 7.90 -5.24 -39.13
N TYR D 263 8.50 -6.11 -39.94
CA TYR D 263 9.91 -5.99 -40.29
C TYR D 263 10.05 -5.73 -41.79
N PRO D 264 11.10 -5.00 -42.20
CA PRO D 264 12.21 -4.47 -41.39
C PRO D 264 11.84 -3.29 -40.50
N LEU D 265 12.67 -3.04 -39.49
CA LEU D 265 12.41 -1.97 -38.53
C LEU D 265 13.74 -1.40 -38.07
N THR D 266 13.76 -0.10 -37.78
CA THR D 266 14.98 0.60 -37.44
C THR D 266 14.92 1.15 -36.02
N ILE D 267 15.93 0.84 -35.23
CA ILE D 267 16.14 1.45 -33.92
C ILE D 267 17.16 2.56 -34.08
N LYS D 268 16.69 3.80 -34.02
CA LYS D 268 17.59 4.94 -34.09
C LYS D 268 18.34 5.08 -32.78
N ARG D 269 19.62 5.49 -32.87
CA ARG D 269 20.43 5.78 -31.71
C ARG D 269 21.67 6.55 -32.15
N PRO D 270 22.19 7.46 -31.33
CA PRO D 270 23.38 8.21 -31.74
C PRO D 270 24.60 7.32 -31.95
N GLU D 271 25.51 7.79 -32.79
CA GLU D 271 26.74 7.06 -33.08
C GLU D 271 27.70 7.01 -31.90
N LYS D 272 27.20 7.13 -30.66
CA LYS D 272 28.07 6.90 -29.51
C LYS D 272 28.56 5.46 -29.48
N PHE D 273 27.67 4.51 -29.76
CA PHE D 273 28.06 3.12 -29.97
C PHE D 273 27.18 2.53 -31.06
N GLY D 274 27.79 2.19 -32.19
CA GLY D 274 27.18 1.37 -33.22
C GLY D 274 26.31 2.08 -34.24
N GLY D 275 25.61 3.15 -33.86
CA GLY D 275 24.76 3.82 -34.83
C GLY D 275 23.40 3.19 -34.94
N ASP D 276 22.59 3.75 -35.85
CA ASP D 276 21.25 3.24 -36.09
C ASP D 276 21.30 1.74 -36.33
N LEU D 277 20.26 1.04 -35.89
CA LEU D 277 20.17 -0.40 -36.03
C LEU D 277 18.99 -0.72 -36.94
N THR D 278 19.29 -1.20 -38.14
CA THR D 278 18.29 -1.73 -39.05
C THR D 278 18.12 -3.22 -38.80
N VAL D 279 16.89 -3.66 -38.63
CA VAL D 279 16.58 -5.05 -38.27
C VAL D 279 15.71 -5.65 -39.37
N ASN D 280 16.14 -6.78 -39.92
CA ASN D 280 15.46 -7.38 -41.07
C ASN D 280 14.26 -8.22 -40.65
N SER D 281 14.30 -8.83 -39.48
CA SER D 281 13.28 -9.78 -39.06
C SER D 281 13.33 -9.89 -37.54
N TYR D 282 12.36 -10.61 -36.98
CA TYR D 282 12.39 -10.85 -35.54
C TYR D 282 13.62 -11.65 -35.14
N GLU D 283 14.02 -12.62 -35.97
CA GLU D 283 15.18 -13.45 -35.63
C GLU D 283 16.45 -12.63 -35.50
N GLU D 284 16.61 -11.59 -36.33
CA GLU D 284 17.77 -10.72 -36.18
C GLU D 284 17.68 -9.91 -34.90
N LEU D 285 16.47 -9.46 -34.55
CA LEU D 285 16.30 -8.79 -33.26
C LEU D 285 16.62 -9.74 -32.12
N GLU D 286 16.24 -11.01 -32.26
CA GLU D 286 16.55 -12.01 -31.25
C GLU D 286 18.06 -12.16 -31.09
N SER D 287 18.78 -12.28 -32.21
CA SER D 287 20.23 -12.42 -32.14
CA SER D 287 20.23 -12.42 -32.14
C SER D 287 20.87 -11.22 -31.47
N LEU D 288 20.48 -10.01 -31.86
CA LEU D 288 21.10 -8.81 -31.32
C LEU D 288 20.86 -8.69 -29.82
N PHE D 289 19.61 -8.90 -29.38
CA PHE D 289 19.30 -8.77 -27.97
C PHE D 289 19.98 -9.85 -27.15
N LYS D 290 19.91 -11.09 -27.61
CA LYS D 290 20.56 -12.19 -26.90
C LYS D 290 22.03 -11.91 -26.67
N ASN D 291 22.71 -11.36 -27.67
CA ASN D 291 24.13 -11.05 -27.57
C ASN D 291 24.38 -9.68 -26.96
N LYS D 292 23.38 -9.12 -26.27
CA LYS D 292 23.50 -7.85 -25.55
C LYS D 292 24.17 -6.78 -26.42
N GLU D 293 23.85 -6.78 -27.71
CA GLU D 293 24.22 -5.71 -28.62
C GLU D 293 23.12 -4.68 -28.79
N LEU D 294 22.00 -4.84 -28.07
CA LEU D 294 20.89 -3.90 -28.09
C LEU D 294 20.43 -3.71 -26.66
N HIS D 295 20.50 -2.47 -26.18
CA HIS D 295 20.22 -2.22 -24.78
C HIS D 295 18.73 -2.44 -24.49
N PRO D 296 18.39 -3.02 -23.33
CA PRO D 296 16.97 -3.22 -23.01
C PRO D 296 16.11 -1.98 -23.16
N MET D 297 16.67 -0.79 -22.87
CA MET D 297 15.86 0.42 -22.88
C MET D 297 15.54 0.87 -24.30
N ARG D 298 16.49 0.74 -25.23
CA ARG D 298 16.18 1.12 -26.60
C ARG D 298 15.19 0.15 -27.22
N LEU D 299 15.27 -1.13 -26.83
CA LEU D 299 14.25 -2.08 -27.24
C LEU D 299 12.87 -1.65 -26.74
N LYS D 300 12.79 -1.25 -25.46
CA LYS D 300 11.51 -0.79 -24.93
C LYS D 300 10.98 0.42 -25.70
N ASN D 301 11.84 1.39 -25.98
CA ASN D 301 11.39 2.57 -26.72
C ASN D 301 10.87 2.17 -28.10
N ALA D 302 11.63 1.38 -28.83
CA ALA D 302 11.22 0.99 -30.18
C ALA D 302 9.94 0.17 -30.15
N VAL D 303 9.86 -0.83 -29.27
CA VAL D 303 8.68 -1.67 -29.21
C VAL D 303 7.46 -0.84 -28.82
N ALA D 304 7.64 0.06 -27.84
CA ALA D 304 6.53 0.91 -27.41
C ALA D 304 6.05 1.82 -28.53
N GLU D 305 6.98 2.43 -29.28
CA GLU D 305 6.57 3.34 -30.34
C GLU D 305 5.94 2.58 -31.49
N GLU D 306 6.51 1.43 -31.87
CA GLU D 306 5.88 0.60 -32.88
C GLU D 306 4.49 0.16 -32.44
N LEU D 307 4.38 -0.33 -31.20
CA LEU D 307 3.10 -0.75 -30.68
C LEU D 307 2.08 0.38 -30.72
N ILE D 308 2.50 1.59 -30.34
CA ILE D 308 1.62 2.75 -30.46
C ILE D 308 1.17 2.94 -31.90
N LYS D 309 2.09 2.77 -32.85
CA LYS D 309 1.74 2.95 -34.25
C LYS D 309 0.92 1.79 -34.80
N ILE D 310 0.77 0.70 -34.04
CA ILE D 310 -0.02 -0.45 -34.46
C ILE D 310 -1.43 -0.40 -33.88
N LEU D 311 -1.56 0.04 -32.62
CA LEU D 311 -2.84 0.06 -31.92
C LEU D 311 -3.65 1.32 -32.17
N GLU D 312 -3.10 2.29 -32.91
CA GLU D 312 -3.81 3.56 -33.09
C GLU D 312 -5.14 3.38 -33.81
N PRO D 313 -5.24 2.62 -34.90
CA PRO D 313 -6.57 2.41 -35.52
C PRO D 313 -7.59 1.81 -34.56
N ILE D 314 -7.17 0.90 -33.68
CA ILE D 314 -8.08 0.36 -32.69
C ILE D 314 -8.53 1.44 -31.71
N ARG D 315 -7.57 2.24 -31.23
CA ARG D 315 -7.85 3.27 -30.25
C ARG D 315 -8.82 4.34 -30.79
N LYS D 316 -8.69 4.70 -32.07
CA LYS D 316 -9.48 5.82 -32.59
C LYS D 316 -10.98 5.54 -32.52
N ARG D 317 -11.41 4.33 -32.89
CA ARG D 317 -12.83 4.06 -33.08
C ARG D 317 -13.50 3.77 -31.74
N LEU D 318 -14.28 4.74 -31.27
CA LEU D 318 -15.01 4.68 -29.98
C LEU D 318 -14.52 3.61 -29.02
C11 96Z E . 28.13 -20.38 -6.73
C14 96Z E . 28.93 -23.21 -7.58
C1 96Z E . 26.59 -17.08 -7.32
C10 96Z E . 27.82 -21.21 -5.59
C12 96Z E . 28.73 -20.83 -8.01
C13 96Z E . 29.05 -22.09 -8.31
C15 96Z E . 28.49 -23.48 -6.34
C16 96Z E . 27.98 -22.67 -5.42
C3 96Z E . 26.85 -15.67 -7.80
C6 96Z E . 27.91 -17.82 -7.20
C7 96Z E . 27.77 -19.08 -6.36
C8 96Z E . 27.26 -19.12 -5.05
C9 96Z E . 27.29 -20.42 -4.57
N17 96Z E . 25.73 -17.78 -8.29
O4 96Z E . 27.84 -15.05 -7.32
O5 96Z E . 26.03 -15.17 -8.60
H14 96Z E . 29.29 -24.09 -8.09
H1 96Z E . 26.10 -17.05 -6.34
H12 96Z E . 28.90 -20.08 -8.77
H13 96Z E . 29.47 -22.24 -9.29
H15 96Z E . 28.54 -24.52 -6.05
H16 96Z E . 27.68 -23.10 -4.47
H62 96Z E . 28.28 -18.08 -8.19
H61 96Z E . 28.65 -17.16 -6.74
H8 96Z E . 26.90 -18.26 -4.51
H9 96Z E . 26.95 -20.76 -3.59
H172 96Z E . 26.19 -17.82 -9.22
H171 96Z E . 24.82 -17.28 -8.39
C1 GOL F . 19.11 7.81 -18.16
O1 GOL F . 20.48 7.72 -17.82
C2 GOL F . 18.40 6.53 -17.74
O2 GOL F . 19.05 5.97 -16.62
C3 GOL F . 16.94 6.80 -17.40
O3 GOL F . 16.45 5.76 -16.58
H11 GOL F . 18.66 8.66 -17.66
H12 GOL F . 19.00 7.95 -19.23
HO1 GOL F . 20.94 8.51 -18.16
H2 GOL F . 18.44 5.82 -18.57
HO2 GOL F . 18.99 6.59 -15.86
H31 GOL F . 16.86 7.75 -16.88
H32 GOL F . 16.35 6.86 -18.32
HO3 GOL F . 15.95 5.12 -17.14
CA CA G . 43.80 -0.39 8.86
C11 96Z H . -16.92 16.46 -7.63
C14 96Z H . -15.50 18.53 -9.39
C1 96Z H . -16.85 13.60 -5.34
C10 96Z H . -17.62 17.72 -7.36
C12 96Z H . -15.78 16.28 -8.56
C13 96Z H . -15.22 17.23 -9.30
C15 96Z H . -16.42 19.32 -8.83
C16 96Z H . -17.37 19.05 -7.92
C3 96Z H . -16.76 12.09 -5.32
C6 96Z H . -17.20 14.02 -6.77
C7 96Z H . -17.55 15.50 -6.83
C8 96Z H . -18.58 16.12 -6.12
C9 96Z H . -18.63 17.49 -6.44
N17 96Z H . -15.55 14.18 -4.94
O4 96Z H . -15.74 11.57 -4.81
O5 96Z H . -17.74 11.43 -5.78
H14 96Z H . -14.87 19.05 -10.09
H1 96Z H . -17.64 13.94 -4.66
H12 96Z H . -15.38 15.28 -8.65
H13 96Z H . -14.40 16.90 -9.92
H15 96Z H . -16.37 20.36 -9.12
H16 96Z H . -18.00 19.85 -7.59
H62 96Z H . -18.05 13.44 -7.12
H61 96Z H . -16.36 13.82 -7.42
H3 96Z H . -19.24 15.63 -5.42
H9 96Z H . -19.31 18.23 -6.03
H172 96Z H . -15.31 13.87 -3.98
H171 96Z H . -14.81 13.87 -5.59
C1 GOL I . -38.08 14.14 19.21
O1 GOL I . -38.15 15.39 18.54
C2 GOL I . -37.43 14.33 20.56
O2 GOL I . -36.16 14.91 20.40
C3 GOL I . -38.28 15.22 21.45
O3 GOL I . -38.37 16.51 20.89
H11 GOL I . -39.09 13.73 19.33
H12 GOL I . -37.51 13.44 18.60
HO1 GOL I . -38.52 15.25 17.64
H2 GOL I . -37.33 13.35 21.04
HO2 GOL I . -36.25 15.80 19.98
H31 GOL I . -39.28 14.80 21.54
H32 GOL I . -37.84 15.29 22.44
HO3 GOL I . -38.90 17.09 21.46
CA CA J . -5.31 6.52 -3.10
CA CA K . -40.77 -0.32 -13.34
O1 PG4 L . -20.18 16.38 -2.57
C1 PG4 L . -19.10 16.97 -1.91
C2 PG4 L . -18.69 18.26 -2.62
O2 PG4 L . -19.56 19.30 -2.30
C3 PG4 L . -20.81 19.20 -2.90
C4 PG4 L . -21.57 20.52 -2.77
O3 PG4 L . -20.92 21.53 -3.50
C5 PG4 L . -21.01 21.41 -4.89
HO1 PG4 L . -20.37 15.63 -2.20
H11 PG4 L . -19.36 17.17 -1.00
H12 PG4 L . -18.36 16.35 -1.90
H21 PG4 L . -17.79 18.50 -2.35
H22 PG4 L . -18.70 18.12 -3.58
H31 PG4 L . -20.70 18.98 -3.84
H32 PG4 L . -21.32 18.50 -2.47
H41 PG4 L . -22.47 20.40 -3.12
H42 PG4 L . -21.62 20.77 -1.84
H52 PG4 L . -20.31 20.81 -5.20
C11 96Z M . 4.59 23.87 38.56
C14 96Z M . 4.65 25.96 40.81
C1 96Z M . 3.03 22.83 35.53
C10 96Z M . 6.01 24.12 38.80
C12 96Z M . 3.46 24.50 39.29
C13 96Z M . 3.56 25.40 40.25
C15 96Z M . 5.97 25.82 40.62
C16 96Z M . 6.64 25.04 39.76
C3 96Z M . 1.70 22.25 35.10
C6 96Z M . 3.29 22.30 36.94
C7 96Z M . 4.54 22.92 37.54
C8 96Z M . 5.85 22.61 37.17
C9 96Z M . 6.77 23.35 37.93
N17 96Z M . 2.99 24.31 35.55
O4 96Z M . 0.93 22.94 34.38
O5 96Z M . 1.43 21.05 35.43
H14 96Z M . 4.40 26.67 41.58
H1 96Z M . 3.82 22.47 34.86
H12 96Z M . 2.46 24.19 39.00
H13 96Z M . 2.63 25.75 40.65
H15 96Z M . 6.58 26.43 41.25
H16 96Z M . 7.71 25.09 39.77
H62 96Z M . 3.41 21.21 36.91
H61 96Z M . 2.44 22.52 37.58
H8 96Z M . 6.12 21.90 36.40
H9 96Z M . 7.85 23.32 37.87
H172 96Z M . 2.26 24.62 36.20
H171 96Z M . 2.76 24.66 34.60
C11 96Z N . -16.30 -20.65 -23.78
C14 96Z N . -18.89 -22.01 -22.88
C1 96Z N . -12.77 -20.07 -23.30
C10 96Z N . -16.91 -21.13 -25.01
C12 96Z N . -16.84 -20.81 -22.40
C13 96Z N . -17.99 -21.42 -22.10
C15 96Z N . -18.99 -22.21 -24.20
C16 96Z N . -18.18 -21.86 -25.20
C3 96Z N . -11.77 -19.22 -22.57
C6 96Z N . -14.11 -19.34 -23.25
C7 96Z N . -15.11 -20.02 -24.17
C8 96Z N . -15.00 -20.11 -25.56
C9 96Z N . -16.11 -20.79 -26.09
N17 96Z N . -12.92 -21.39 -22.65
O4 96Z N . -11.63 -18.02 -22.94
O5 96Z N . -11.07 -19.76 -21.67
H14 96Z N . -19.72 -22.42 -22.32
H1 96Z N . -12.47 -20.19 -24.34
H12 96Z N . -16.27 -20.39 -21.59
H13 96Z N . -18.22 -21.43 -21.04
H15 96Z N . -19.88 -22.75 -24.51
H16 96Z N . -18.45 -22.13 -26.20
H62 96Z N . -14.49 -19.33 -22.23
H61 96Z N . -13.98 -18.30 -23.57
H8 96Z N . -14.18 -19.70 -26.14
H9 96Z N . -16.29 -21.01 -27.13
H172 96Z N . -13.23 -21.27 -21.68
H171 96Z N . -12.01 -21.89 -22.66
#